data_3BI5
#
_entry.id   3BI5
#
_cell.length_a   164.420
_cell.length_b   103.002
_cell.length_c   77.242
_cell.angle_alpha   90.000
_cell.angle_beta   94.300
_cell.angle_gamma   90.000
#
_symmetry.space_group_name_H-M   'C 1 2 1'
#
loop_
_entity.id
_entity.type
_entity.pdbx_description
1 polymer 'Polyamine oxidase FMS1'
2 non-polymer 'FLAVIN-ADENINE DINUCLEOTIDE'
3 non-polymer 'OCTANE 1,8-DIAMINE'
4 water water
#
_entity_poly.entity_id   1
_entity_poly.type   'polypeptide(L)'
_entity_poly.pdbx_seq_one_letter_code
;MNTVSPAKKKVIIIGAGIAGLKAASTLHQNGIQDCLVLEARDRVGGRLQTVTGYQGRKYDIGASWHHDTLTNPLFLEEAQ
LSLNDGRTRFVFDDDNFIYIDEERGRVDHDKELLLEIVDNEMSKFAELEFHQHLGVSDCSFFQLVMKYLLQRRQFLTNDQ
IRYLPQLCRYLELWHGLDWKLLSAKDTYFGHQGRNAFALNYDSVVQRIAQSFPQNWLKLSCEVKSITREPSKNVTVNCED
GTVYNADYVIITVPQSVLNLSVQPEKNLRGRIEFQPPLKPVIQDAFDKIHFGALGKVIFEFEECCWSNESSKIVTLANST
NEFVEIVRNAENLDELDSMLEREDSQKHTSVTCWSQPLFFVNLSKSTGVASFMMLMQAPLTNHIESIREDKERLFSFFQP
VLNKIMKCLDSEDVIDGMRPIENIANANKPVLRNIIVSNWTRDPYSRGAYSACFPGDDPVDMVVAMSNGQDSRIRFAGEH
TIMDGAGCAYGAWESGRREATRISDLLKLEHHHHHH
;
_entity_poly.pdbx_strand_id   A,B
#
# COMPACT_ATOMS: atom_id res chain seq x y z
N SER A 5 6.09 59.02 -12.48
CA SER A 5 5.50 59.16 -11.11
C SER A 5 4.81 57.90 -10.55
N PRO A 6 4.94 56.73 -11.21
CA PRO A 6 4.29 55.53 -10.66
C PRO A 6 5.12 54.94 -9.53
N ALA A 7 4.51 54.82 -8.36
CA ALA A 7 5.19 54.30 -7.18
C ALA A 7 6.18 53.15 -7.41
N LYS A 8 7.26 53.19 -6.62
CA LYS A 8 8.32 52.20 -6.66
C LYS A 8 8.11 51.20 -5.55
N LYS A 9 8.25 49.92 -5.87
CA LYS A 9 8.07 48.85 -4.91
C LYS A 9 9.16 47.82 -5.18
N LYS A 10 9.57 47.09 -4.15
CA LYS A 10 10.60 46.09 -4.32
C LYS A 10 10.01 44.84 -4.98
N VAL A 11 8.94 44.31 -4.41
CA VAL A 11 8.29 43.12 -4.92
C VAL A 11 6.76 43.27 -4.98
N ILE A 12 6.18 42.92 -6.11
CA ILE A 12 4.74 42.96 -6.26
C ILE A 12 4.25 41.54 -6.47
N ILE A 13 3.39 41.10 -5.56
CA ILE A 13 2.80 39.77 -5.59
C ILE A 13 1.36 39.85 -6.13
N ILE A 14 1.09 39.17 -7.25
CA ILE A 14 -0.26 39.20 -7.82
C ILE A 14 -1.06 38.02 -7.30
N GLY A 15 -2.17 38.30 -6.61
CA GLY A 15 -3.01 37.25 -6.09
C GLY A 15 -2.79 36.99 -4.62
N ALA A 16 -3.87 36.95 -3.83
CA ALA A 16 -3.75 36.72 -2.39
C ALA A 16 -4.25 35.37 -1.92
N GLY A 17 -3.84 34.33 -2.64
CA GLY A 17 -4.19 32.98 -2.22
C GLY A 17 -3.09 32.57 -1.24
N ILE A 18 -3.10 31.34 -0.76
CA ILE A 18 -2.09 30.91 0.19
C ILE A 18 -0.66 31.02 -0.37
N ALA A 19 -0.51 30.88 -1.68
CA ALA A 19 0.80 30.99 -2.32
C ALA A 19 1.38 32.41 -2.15
N GLY A 20 0.62 33.40 -2.62
CA GLY A 20 1.05 34.78 -2.54
C GLY A 20 1.16 35.28 -1.12
N LEU A 21 0.23 34.86 -0.27
CA LEU A 21 0.25 35.27 1.12
C LEU A 21 1.56 34.76 1.76
N LYS A 22 1.91 33.52 1.46
CA LYS A 22 3.13 32.96 2.02
C LYS A 22 4.37 33.65 1.42
N ALA A 23 4.28 34.02 0.15
CA ALA A 23 5.38 34.70 -0.50
C ALA A 23 5.69 36.01 0.27
N ALA A 24 4.62 36.73 0.62
CA ALA A 24 4.74 38.00 1.33
C ALA A 24 5.18 37.79 2.77
N SER A 25 4.65 36.75 3.39
CA SER A 25 4.99 36.42 4.77
C SER A 25 6.49 36.20 4.86
N THR A 26 7.03 35.54 3.84
CA THR A 26 8.45 35.25 3.79
C THR A 26 9.31 36.49 3.54
N LEU A 27 8.87 37.35 2.62
CA LEU A 27 9.64 38.56 2.32
C LEU A 27 9.83 39.37 3.62
N HIS A 28 8.74 39.73 4.27
CA HIS A 28 8.82 40.49 5.51
C HIS A 28 9.74 39.78 6.51
N GLN A 29 9.60 38.46 6.62
CA GLN A 29 10.42 37.68 7.53
C GLN A 29 11.91 37.85 7.20
N ASN A 30 12.24 38.03 5.93
CA ASN A 30 13.62 38.22 5.51
C ASN A 30 13.95 39.71 5.46
N GLY A 31 13.16 40.54 6.13
CA GLY A 31 13.43 41.97 6.14
C GLY A 31 13.20 42.87 4.92
N ILE A 32 12.62 42.35 3.84
CA ILE A 32 12.36 43.17 2.65
C ILE A 32 11.17 44.11 2.95
N GLN A 33 11.28 45.36 2.53
CA GLN A 33 10.20 46.30 2.78
C GLN A 33 9.64 46.82 1.46
N ASP A 34 8.66 47.71 1.56
CA ASP A 34 8.03 48.32 0.40
C ASP A 34 7.57 47.32 -0.66
N CYS A 35 6.68 46.42 -0.24
CA CYS A 35 6.14 45.42 -1.14
C CYS A 35 4.63 45.59 -1.28
N LEU A 36 4.01 44.79 -2.13
CA LEU A 36 2.58 44.91 -2.35
C LEU A 36 1.95 43.59 -2.73
N VAL A 37 0.72 43.39 -2.29
CA VAL A 37 -0.01 42.17 -2.63
C VAL A 37 -1.32 42.64 -3.27
N LEU A 38 -1.47 42.38 -4.57
CA LEU A 38 -2.66 42.83 -5.30
C LEU A 38 -3.59 41.66 -5.59
N GLU A 39 -4.85 41.80 -5.18
CA GLU A 39 -5.85 40.75 -5.35
C GLU A 39 -7.16 41.27 -5.97
N ALA A 40 -7.66 40.55 -6.99
CA ALA A 40 -8.89 40.92 -7.71
C ALA A 40 -10.16 40.90 -6.84
N ARG A 41 -10.34 39.81 -6.11
CA ARG A 41 -11.49 39.65 -5.24
C ARG A 41 -11.49 40.65 -4.07
N ASP A 42 -12.54 40.57 -3.25
CA ASP A 42 -12.63 41.47 -2.11
C ASP A 42 -12.40 40.74 -0.80
N ARG A 43 -11.59 39.68 -0.87
CA ARG A 43 -11.26 38.84 0.30
C ARG A 43 -9.97 38.12 -0.03
N VAL A 44 -9.28 37.61 0.98
CA VAL A 44 -8.03 36.88 0.75
C VAL A 44 -8.33 35.39 0.89
N GLY A 45 -7.41 34.54 0.44
CA GLY A 45 -7.63 33.10 0.55
C GLY A 45 -7.75 32.29 -0.72
N GLY A 46 -8.34 32.87 -1.75
CA GLY A 46 -8.48 32.15 -3.00
C GLY A 46 -9.27 30.86 -2.90
N ARG A 47 -8.68 29.75 -3.30
CA ARG A 47 -9.37 28.47 -3.25
C ARG A 47 -9.49 27.92 -1.83
N LEU A 48 -9.20 28.79 -0.86
CA LEU A 48 -9.37 28.46 0.55
C LEU A 48 -10.43 29.46 0.98
N GLN A 49 -11.70 29.03 0.93
CA GLN A 49 -12.79 29.88 1.33
C GLN A 49 -13.76 29.19 2.26
N THR A 50 -14.02 29.84 3.40
CA THR A 50 -14.95 29.31 4.40
C THR A 50 -16.28 30.10 4.38
N VAL A 51 -17.37 29.39 4.15
CA VAL A 51 -18.68 30.02 4.09
C VAL A 51 -19.53 29.74 5.33
N THR A 52 -20.63 30.47 5.46
CA THR A 52 -21.53 30.30 6.58
C THR A 52 -22.89 29.86 6.03
N GLY A 53 -23.55 28.97 6.76
CA GLY A 53 -24.85 28.48 6.33
C GLY A 53 -25.90 28.48 7.42
N TYR A 54 -26.70 27.41 7.45
CA TYR A 54 -27.79 27.26 8.42
C TYR A 54 -27.32 27.36 9.87
N GLN A 55 -27.98 28.23 10.64
CA GLN A 55 -27.66 28.44 12.05
C GLN A 55 -26.21 28.84 12.30
N GLY A 56 -25.57 29.46 11.31
CA GLY A 56 -24.20 29.90 11.48
C GLY A 56 -23.13 28.84 11.43
N ARG A 57 -23.48 27.63 10.99
CA ARG A 57 -22.50 26.55 10.89
C ARG A 57 -21.49 26.94 9.79
N LYS A 58 -20.26 26.45 9.88
CA LYS A 58 -19.26 26.80 8.88
C LYS A 58 -18.73 25.60 8.07
N TYR A 59 -18.31 25.86 6.84
CA TYR A 59 -17.78 24.80 5.98
C TYR A 59 -16.75 25.36 5.02
N ASP A 60 -15.72 24.59 4.70
CA ASP A 60 -14.74 25.04 3.72
C ASP A 60 -15.28 24.58 2.37
N ILE A 61 -15.63 25.54 1.50
CA ILE A 61 -16.17 25.18 0.21
C ILE A 61 -15.06 24.89 -0.80
N GLY A 62 -13.83 25.29 -0.43
CA GLY A 62 -12.66 25.04 -1.24
C GLY A 62 -11.91 23.89 -0.58
N ALA A 63 -10.63 24.06 -0.25
CA ALA A 63 -9.83 23.01 0.40
C ALA A 63 -10.39 22.62 1.76
N SER A 64 -10.16 21.38 2.17
CA SER A 64 -10.71 20.91 3.44
C SER A 64 -9.73 20.13 4.32
N TRP A 65 -8.82 19.40 3.69
CA TRP A 65 -7.87 18.58 4.40
C TRP A 65 -6.42 18.93 4.19
N HIS A 66 -5.63 18.58 5.20
CA HIS A 66 -4.18 18.69 5.17
C HIS A 66 -3.85 17.27 4.69
N HIS A 67 -3.11 17.11 3.59
CA HIS A 67 -2.73 15.78 3.10
C HIS A 67 -1.27 15.48 3.46
N ASP A 68 -0.89 14.21 3.32
CA ASP A 68 0.48 13.80 3.59
C ASP A 68 1.04 14.35 4.91
N THR A 69 0.28 14.21 5.99
CA THR A 69 0.68 14.74 7.31
C THR A 69 2.07 14.36 7.83
N LEU A 70 2.66 13.30 7.29
CA LEU A 70 3.99 12.89 7.71
C LEU A 70 5.08 13.86 7.24
N THR A 71 4.82 14.59 6.15
CA THR A 71 5.81 15.51 5.59
C THR A 71 5.29 16.92 5.22
N ASN A 72 3.98 17.07 5.18
CA ASN A 72 3.31 18.33 4.87
C ASN A 72 3.86 19.45 5.78
N PRO A 73 4.76 20.31 5.28
CA PRO A 73 5.34 21.41 6.09
C PRO A 73 4.34 22.42 6.67
N LEU A 74 3.28 22.69 5.92
CA LEU A 74 2.26 23.61 6.39
C LEU A 74 1.49 22.95 7.54
N PHE A 75 1.29 21.64 7.44
CA PHE A 75 0.57 20.94 8.51
C PHE A 75 1.42 20.92 9.79
N LEU A 76 2.72 20.70 9.66
CA LEU A 76 3.58 20.68 10.82
C LEU A 76 3.50 21.99 11.60
N GLU A 77 3.46 23.14 10.91
CA GLU A 77 3.39 24.42 11.64
C GLU A 77 2.14 24.48 12.52
N GLU A 78 0.98 24.29 11.90
CA GLU A 78 -0.29 24.31 12.62
C GLU A 78 -0.25 23.37 13.81
N ALA A 79 0.51 22.28 13.69
CA ALA A 79 0.62 21.28 14.77
C ALA A 79 1.46 21.82 15.93
N GLN A 80 2.44 22.65 15.59
CA GLN A 80 3.31 23.26 16.59
C GLN A 80 2.50 24.28 17.39
N LEU A 81 1.67 25.05 16.69
CA LEU A 81 0.85 26.07 17.34
C LEU A 81 -0.19 25.47 18.28
N SER A 82 -0.71 24.29 17.94
CA SER A 82 -1.70 23.66 18.81
C SER A 82 -0.99 23.03 19.99
N LEU A 83 0.20 22.50 19.75
CA LEU A 83 0.98 21.87 20.79
C LEU A 83 1.38 22.89 21.86
N ASN A 84 1.59 24.13 21.45
CA ASN A 84 1.98 25.16 22.40
C ASN A 84 0.85 26.04 22.92
N ASP A 85 -0.40 25.74 22.55
CA ASP A 85 -1.49 26.58 23.06
C ASP A 85 -2.76 25.81 23.31
N GLY A 86 -2.76 24.53 22.97
CA GLY A 86 -3.93 23.68 23.20
C GLY A 86 -5.18 23.97 22.39
N ARG A 87 -5.09 24.83 21.38
CA ARG A 87 -6.26 25.13 20.57
C ARG A 87 -6.45 24.10 19.44
N THR A 88 -7.67 23.60 19.29
CA THR A 88 -7.96 22.63 18.26
C THR A 88 -7.96 23.30 16.88
N ARG A 89 -7.07 22.84 16.00
CA ARG A 89 -6.98 23.42 14.66
C ARG A 89 -7.38 22.44 13.56
N PHE A 90 -7.35 21.14 13.87
CA PHE A 90 -7.66 20.12 12.89
C PHE A 90 -8.12 18.82 13.55
N VAL A 91 -8.45 17.82 12.73
CA VAL A 91 -8.88 16.54 13.26
C VAL A 91 -8.67 15.41 12.25
N PHE A 92 -8.12 14.30 12.72
CA PHE A 92 -7.89 13.15 11.84
C PHE A 92 -9.20 12.39 11.66
N ASP A 93 -9.79 12.51 10.49
CA ASP A 93 -11.06 11.85 10.23
C ASP A 93 -11.02 10.72 9.20
N ASP A 94 -9.89 10.02 9.08
CA ASP A 94 -9.86 8.89 8.14
C ASP A 94 -10.72 7.79 8.79
N ASP A 95 -11.20 6.84 8.00
CA ASP A 95 -12.08 5.82 8.57
C ASP A 95 -12.26 4.65 7.64
N ASN A 96 -13.10 3.71 8.07
CA ASN A 96 -13.39 2.53 7.25
C ASN A 96 -14.51 2.94 6.31
N PHE A 97 -14.22 2.95 5.02
CA PHE A 97 -15.20 3.33 4.01
C PHE A 97 -16.40 2.40 3.92
N ILE A 98 -17.57 3.01 3.75
CA ILE A 98 -18.81 2.29 3.61
C ILE A 98 -19.21 2.41 2.14
N TYR A 99 -19.33 1.28 1.46
CA TYR A 99 -19.71 1.30 0.03
C TYR A 99 -21.14 0.85 -0.20
N ILE A 100 -21.90 1.64 -0.95
CA ILE A 100 -23.30 1.31 -1.19
C ILE A 100 -23.75 1.24 -2.64
N ASP A 101 -24.44 0.14 -2.98
CA ASP A 101 -24.97 -0.10 -4.33
C ASP A 101 -26.46 0.12 -4.17
N GLU A 102 -27.12 0.65 -5.19
CA GLU A 102 -28.55 0.94 -5.10
C GLU A 102 -29.42 -0.31 -4.89
N GLU A 103 -29.06 -1.40 -5.55
CA GLU A 103 -29.82 -2.64 -5.44
C GLU A 103 -29.36 -3.53 -4.30
N ARG A 104 -28.06 -3.76 -4.23
CA ARG A 104 -27.52 -4.64 -3.21
C ARG A 104 -27.30 -4.05 -1.82
N GLY A 105 -27.32 -2.74 -1.68
CA GLY A 105 -27.09 -2.14 -0.37
C GLY A 105 -25.61 -2.05 -0.06
N ARG A 106 -25.22 -2.25 1.19
CA ARG A 106 -23.81 -2.18 1.56
C ARG A 106 -23.00 -3.36 1.04
N VAL A 107 -21.91 -3.08 0.33
CA VAL A 107 -21.05 -4.12 -0.21
C VAL A 107 -19.61 -4.03 0.30
N ASP A 108 -19.43 -3.31 1.41
CA ASP A 108 -18.11 -3.12 2.01
C ASP A 108 -17.76 -4.24 2.99
N HIS A 109 -16.54 -4.75 2.89
CA HIS A 109 -16.07 -5.81 3.77
C HIS A 109 -16.98 -7.04 3.75
N ASP A 110 -17.76 -7.17 2.69
CA ASP A 110 -18.65 -8.31 2.51
C ASP A 110 -17.77 -9.57 2.43
N LYS A 111 -18.04 -10.55 3.29
CA LYS A 111 -17.24 -11.77 3.35
C LYS A 111 -17.10 -12.61 2.08
N GLU A 112 -17.88 -12.30 1.04
CA GLU A 112 -17.77 -13.06 -0.20
C GLU A 112 -17.29 -12.23 -1.37
N LEU A 113 -17.66 -10.94 -1.40
CA LEU A 113 -17.24 -10.07 -2.49
C LEU A 113 -15.76 -9.70 -2.34
N LEU A 114 -15.34 -9.48 -1.10
CA LEU A 114 -13.95 -9.13 -0.77
C LEU A 114 -13.44 -8.06 -1.72
N LEU A 115 -14.25 -7.03 -1.91
CA LEU A 115 -13.93 -5.96 -2.84
C LEU A 115 -12.62 -5.23 -2.57
N GLU A 116 -12.41 -4.78 -1.35
CA GLU A 116 -11.20 -4.05 -1.00
C GLU A 116 -9.94 -4.84 -1.29
N ILE A 117 -9.99 -6.14 -1.06
CA ILE A 117 -8.84 -6.99 -1.29
C ILE A 117 -8.43 -7.01 -2.77
N VAL A 118 -9.37 -7.13 -3.69
CA VAL A 118 -9.01 -7.16 -5.11
C VAL A 118 -8.65 -5.77 -5.61
N ASP A 119 -9.17 -4.73 -4.94
CA ASP A 119 -8.86 -3.36 -5.32
C ASP A 119 -7.34 -3.18 -5.12
N ASN A 120 -6.81 -3.75 -4.04
CA ASN A 120 -5.38 -3.67 -3.77
C ASN A 120 -4.59 -4.40 -4.86
N GLU A 121 -5.11 -5.53 -5.33
CA GLU A 121 -4.44 -6.28 -6.40
C GLU A 121 -4.47 -5.42 -7.66
N MET A 122 -5.60 -4.75 -7.87
CA MET A 122 -5.80 -3.86 -9.01
C MET A 122 -4.67 -2.81 -9.01
N SER A 123 -4.57 -2.04 -7.94
CA SER A 123 -3.53 -1.02 -7.83
C SER A 123 -2.11 -1.57 -7.99
N LYS A 124 -1.86 -2.78 -7.48
CA LYS A 124 -0.54 -3.38 -7.61
C LYS A 124 -0.34 -3.72 -9.07
N PHE A 125 -1.41 -4.18 -9.70
CA PHE A 125 -1.40 -4.53 -11.11
C PHE A 125 -1.02 -3.29 -11.92
N ALA A 126 -1.61 -2.15 -11.58
CA ALA A 126 -1.35 -0.89 -12.25
C ALA A 126 0.11 -0.51 -12.06
N GLU A 127 0.59 -0.64 -10.83
CA GLU A 127 1.96 -0.33 -10.48
C GLU A 127 2.95 -1.13 -11.33
N LEU A 128 2.68 -2.41 -11.54
CA LEU A 128 3.56 -3.25 -12.36
C LEU A 128 3.39 -2.92 -13.83
N GLU A 129 2.31 -2.20 -14.14
CA GLU A 129 2.01 -1.80 -15.50
C GLU A 129 2.86 -0.60 -15.91
N PHE A 130 3.02 0.35 -14.99
CA PHE A 130 3.79 1.58 -15.23
C PHE A 130 5.08 1.74 -14.43
N HIS A 131 4.96 2.07 -13.15
CA HIS A 131 6.11 2.28 -12.25
C HIS A 131 7.47 1.71 -12.70
N GLN A 132 8.40 2.60 -13.03
CA GLN A 132 9.73 2.16 -13.44
C GLN A 132 9.88 1.68 -14.88
N HIS A 133 8.81 1.69 -15.66
CA HIS A 133 8.89 1.24 -17.05
C HIS A 133 9.19 2.39 -18.00
N LEU A 134 9.72 2.06 -19.17
CA LEU A 134 10.07 3.07 -20.17
C LEU A 134 9.37 2.85 -21.50
N GLY A 135 8.71 3.88 -22.00
CA GLY A 135 8.04 3.79 -23.28
C GLY A 135 6.72 3.04 -23.26
N VAL A 136 5.96 3.19 -22.18
CA VAL A 136 4.68 2.53 -22.08
C VAL A 136 3.58 3.55 -22.37
N SER A 137 2.70 3.22 -23.31
CA SER A 137 1.60 4.08 -23.70
C SER A 137 0.74 4.37 -22.46
N ASP A 138 0.08 5.52 -22.43
CA ASP A 138 -0.70 5.87 -21.26
C ASP A 138 -2.13 5.32 -21.09
N CYS A 139 -3.02 5.55 -22.04
CA CYS A 139 -4.41 5.09 -21.92
C CYS A 139 -5.10 5.68 -20.67
N SER A 140 -6.43 5.60 -20.63
CA SER A 140 -7.22 6.14 -19.53
C SER A 140 -7.36 5.16 -18.39
N PHE A 141 -7.72 5.66 -17.21
CA PHE A 141 -7.90 4.81 -16.03
C PHE A 141 -8.97 3.74 -16.30
N PHE A 142 -10.07 4.13 -16.92
CA PHE A 142 -11.14 3.20 -17.25
C PHE A 142 -10.58 2.01 -18.04
N GLN A 143 -9.72 2.31 -19.00
CA GLN A 143 -9.12 1.26 -19.82
C GLN A 143 -8.25 0.34 -18.96
N LEU A 144 -7.55 0.89 -17.98
CA LEU A 144 -6.69 0.10 -17.13
C LEU A 144 -7.51 -0.92 -16.37
N VAL A 145 -8.66 -0.49 -15.87
CA VAL A 145 -9.52 -1.40 -15.13
C VAL A 145 -10.10 -2.49 -16.04
N MET A 146 -10.30 -2.16 -17.32
CA MET A 146 -10.83 -3.14 -18.27
C MET A 146 -9.76 -4.19 -18.58
N LYS A 147 -8.50 -3.75 -18.62
CA LYS A 147 -7.40 -4.65 -18.90
C LYS A 147 -7.17 -5.62 -17.75
N TYR A 148 -7.23 -5.11 -16.52
CA TYR A 148 -7.04 -5.95 -15.34
C TYR A 148 -8.08 -7.08 -15.38
N LEU A 149 -9.35 -6.70 -15.53
CA LEU A 149 -10.45 -7.66 -15.57
C LEU A 149 -10.22 -8.71 -16.64
N LEU A 150 -9.57 -8.35 -17.74
CA LEU A 150 -9.33 -9.31 -18.80
C LEU A 150 -8.27 -10.33 -18.43
N GLN A 151 -7.11 -9.85 -18.01
CA GLN A 151 -6.00 -10.72 -17.64
C GLN A 151 -6.22 -11.61 -16.41
N ARG A 152 -7.20 -11.31 -15.56
CA ARG A 152 -7.40 -12.13 -14.37
C ARG A 152 -8.78 -12.73 -14.22
N ARG A 153 -9.60 -12.64 -15.26
CA ARG A 153 -10.96 -13.17 -15.25
C ARG A 153 -11.04 -14.58 -14.62
N GLN A 154 -9.96 -15.36 -14.75
CA GLN A 154 -9.95 -16.72 -14.20
C GLN A 154 -9.88 -16.76 -12.68
N PHE A 155 -9.53 -15.63 -12.06
CA PHE A 155 -9.41 -15.59 -10.62
C PHE A 155 -10.33 -14.56 -9.99
N LEU A 156 -11.40 -14.23 -10.71
CA LEU A 156 -12.38 -13.28 -10.22
C LEU A 156 -13.76 -13.91 -10.34
N THR A 157 -14.55 -13.88 -9.27
CA THR A 157 -15.88 -14.43 -9.32
C THR A 157 -16.74 -13.50 -10.18
N ASN A 158 -17.90 -13.98 -10.64
CA ASN A 158 -18.76 -13.15 -11.47
C ASN A 158 -19.12 -11.85 -10.79
N ASP A 159 -19.60 -11.93 -9.56
CA ASP A 159 -19.99 -10.73 -8.84
C ASP A 159 -18.82 -9.78 -8.59
N GLN A 160 -17.59 -10.31 -8.57
CA GLN A 160 -16.43 -9.45 -8.37
C GLN A 160 -16.20 -8.64 -9.65
N ILE A 161 -16.21 -9.31 -10.80
CA ILE A 161 -15.99 -8.64 -12.08
C ILE A 161 -17.04 -7.56 -12.32
N ARG A 162 -18.15 -7.65 -11.61
CA ARG A 162 -19.19 -6.65 -11.79
C ARG A 162 -18.95 -5.41 -10.93
N TYR A 163 -18.89 -5.60 -9.62
CA TYR A 163 -18.73 -4.49 -8.66
C TYR A 163 -17.34 -3.87 -8.44
N LEU A 164 -16.27 -4.64 -8.64
CA LEU A 164 -14.94 -4.09 -8.41
C LEU A 164 -14.64 -2.86 -9.25
N PRO A 165 -15.05 -2.88 -10.52
CA PRO A 165 -14.74 -1.68 -11.32
C PRO A 165 -15.49 -0.43 -10.83
N GLN A 166 -16.63 -0.62 -10.18
CA GLN A 166 -17.38 0.51 -9.68
C GLN A 166 -16.80 1.07 -8.38
N LEU A 167 -16.17 0.22 -7.58
CA LEU A 167 -15.56 0.66 -6.35
C LEU A 167 -14.25 1.40 -6.66
N CYS A 168 -13.53 0.91 -7.68
CA CYS A 168 -12.28 1.50 -8.14
C CYS A 168 -12.40 3.00 -8.28
N ARG A 169 -13.54 3.43 -8.80
CA ARG A 169 -13.82 4.84 -9.07
C ARG A 169 -13.87 5.86 -7.93
N TYR A 170 -13.52 5.47 -6.71
CA TYR A 170 -13.52 6.45 -5.63
C TYR A 170 -12.39 7.44 -5.96
N LEU A 171 -11.43 6.98 -6.76
CA LEU A 171 -10.32 7.84 -7.13
C LEU A 171 -10.73 9.06 -7.94
N GLU A 172 -11.92 9.02 -8.53
CA GLU A 172 -12.39 10.15 -9.32
C GLU A 172 -12.50 11.40 -8.44
N LEU A 173 -12.77 11.18 -7.16
CA LEU A 173 -12.89 12.31 -6.24
C LEU A 173 -11.58 12.84 -5.64
N TRP A 174 -10.43 12.36 -6.13
CA TRP A 174 -9.15 12.88 -5.65
C TRP A 174 -8.61 13.76 -6.77
N HIS A 175 -8.97 13.41 -8.00
CA HIS A 175 -8.56 14.14 -9.20
C HIS A 175 -9.62 15.08 -9.76
N GLY A 176 -10.89 14.82 -9.41
CA GLY A 176 -11.98 15.64 -9.92
C GLY A 176 -12.26 15.39 -11.40
N LEU A 177 -11.89 14.20 -11.86
CA LEU A 177 -12.04 13.78 -13.25
C LEU A 177 -12.64 12.38 -13.40
N ASP A 178 -13.60 12.22 -14.31
CA ASP A 178 -14.28 10.95 -14.61
C ASP A 178 -13.28 9.92 -15.16
N TRP A 179 -13.45 8.65 -14.80
CA TRP A 179 -12.50 7.63 -15.22
C TRP A 179 -12.13 7.50 -16.69
N LYS A 180 -13.00 7.96 -17.59
CA LYS A 180 -12.67 7.89 -19.01
C LYS A 180 -11.89 9.14 -19.43
N LEU A 181 -11.85 10.13 -18.55
CA LEU A 181 -11.15 11.38 -18.84
C LEU A 181 -9.79 11.40 -18.16
N LEU A 182 -9.62 10.52 -17.18
CA LEU A 182 -8.40 10.45 -16.37
C LEU A 182 -7.22 9.63 -16.90
N SER A 183 -6.03 10.22 -16.78
CA SER A 183 -4.79 9.57 -17.18
C SER A 183 -4.54 8.40 -16.24
N ALA A 184 -4.34 7.21 -16.78
CA ALA A 184 -4.11 6.05 -15.92
C ALA A 184 -2.75 6.14 -15.21
N LYS A 185 -1.75 6.66 -15.89
CA LYS A 185 -0.42 6.79 -15.30
C LYS A 185 -0.44 7.63 -14.04
N ASP A 186 -1.24 8.69 -14.05
CA ASP A 186 -1.30 9.60 -12.93
C ASP A 186 -2.40 9.28 -11.93
N THR A 187 -3.18 8.22 -12.17
CA THR A 187 -4.27 7.85 -11.29
C THR A 187 -3.82 7.46 -9.89
N TYR A 188 -2.91 6.49 -9.82
CA TYR A 188 -2.41 6.06 -8.52
C TYR A 188 -1.23 6.94 -8.10
N PHE A 189 -1.22 7.32 -6.82
CA PHE A 189 -0.16 8.16 -6.26
C PHE A 189 0.03 7.79 -4.79
N GLY A 190 1.18 8.15 -4.22
CA GLY A 190 1.44 7.80 -2.84
C GLY A 190 0.93 8.76 -1.78
N HIS A 191 0.28 8.21 -0.75
CA HIS A 191 -0.25 9.01 0.36
C HIS A 191 0.69 8.89 1.55
N GLN A 192 1.47 9.95 1.78
CA GLN A 192 2.43 9.98 2.88
C GLN A 192 1.78 10.31 4.21
N GLY A 193 1.11 9.33 4.80
CA GLY A 193 0.46 9.55 6.08
C GLY A 193 -1.04 9.76 5.98
N ARG A 194 -1.68 9.92 7.13
CA ARG A 194 -3.12 10.14 7.22
C ARG A 194 -3.51 11.56 6.84
N ASN A 195 -4.80 11.77 6.64
CA ASN A 195 -5.32 13.08 6.30
C ASN A 195 -5.90 13.72 7.54
N ALA A 196 -5.64 15.02 7.70
CA ALA A 196 -6.15 15.78 8.84
C ALA A 196 -7.10 16.87 8.33
N PHE A 197 -8.34 16.81 8.82
CA PHE A 197 -9.39 17.74 8.44
C PHE A 197 -9.22 19.10 9.13
N ALA A 198 -9.13 20.17 8.34
CA ALA A 198 -8.96 21.53 8.87
C ALA A 198 -10.22 22.07 9.53
N LEU A 199 -10.11 22.45 10.79
CA LEU A 199 -11.26 23.00 11.50
C LEU A 199 -11.20 24.52 11.44
N ASN A 200 -11.30 25.01 10.21
CA ASN A 200 -11.24 26.42 9.94
C ASN A 200 -10.05 26.64 9.04
N TYR A 201 -10.18 26.33 7.75
CA TYR A 201 -9.07 26.57 6.84
C TYR A 201 -8.87 28.08 6.71
N ASP A 202 -9.94 28.85 6.88
CA ASP A 202 -9.85 30.30 6.81
C ASP A 202 -9.05 30.79 8.03
N SER A 203 -8.82 29.89 8.98
CA SER A 203 -8.07 30.23 10.17
C SER A 203 -6.58 30.21 9.86
N VAL A 204 -6.21 29.41 8.87
CA VAL A 204 -4.82 29.30 8.46
C VAL A 204 -4.48 30.53 7.63
N VAL A 205 -5.43 30.96 6.80
CA VAL A 205 -5.24 32.11 5.91
C VAL A 205 -4.96 33.41 6.65
N GLN A 206 -5.73 33.68 7.70
CA GLN A 206 -5.57 34.90 8.48
C GLN A 206 -4.20 34.98 9.18
N ARG A 207 -3.79 33.92 9.87
CA ARG A 207 -2.49 33.92 10.55
C ARG A 207 -1.38 34.34 9.60
N ILE A 208 -1.38 33.76 8.40
CA ILE A 208 -0.35 34.10 7.42
C ILE A 208 -0.54 35.52 6.91
N ALA A 209 -1.80 35.95 6.85
CA ALA A 209 -2.14 37.28 6.35
C ALA A 209 -1.77 38.40 7.32
N GLN A 210 -1.80 38.09 8.61
CA GLN A 210 -1.49 39.09 9.63
C GLN A 210 0.00 39.10 9.98
N SER A 211 0.81 38.32 9.27
CA SER A 211 2.23 38.26 9.57
C SER A 211 3.09 39.19 8.74
N PHE A 212 2.47 40.15 8.05
CA PHE A 212 3.24 41.13 7.28
C PHE A 212 2.52 42.47 7.30
N PRO A 213 3.24 43.57 6.99
CA PRO A 213 2.62 44.91 7.00
C PRO A 213 1.25 44.95 6.32
N GLN A 214 0.21 45.23 7.09
CA GLN A 214 -1.15 45.29 6.57
C GLN A 214 -1.37 46.36 5.49
N ASN A 215 -0.50 47.35 5.41
CA ASN A 215 -0.70 48.38 4.39
C ASN A 215 -0.24 47.83 3.05
N TRP A 216 0.27 46.60 3.05
CA TRP A 216 0.74 45.96 1.82
C TRP A 216 -0.45 45.43 0.99
N LEU A 217 -1.48 44.97 1.69
CA LEU A 217 -2.64 44.37 1.08
C LEU A 217 -3.58 45.33 0.34
N LYS A 218 -3.77 45.08 -0.94
CA LYS A 218 -4.65 45.90 -1.77
C LYS A 218 -5.69 44.98 -2.42
N LEU A 219 -6.84 44.83 -1.77
CA LEU A 219 -7.85 43.98 -2.35
C LEU A 219 -8.62 44.76 -3.42
N SER A 220 -9.38 44.04 -4.24
CA SER A 220 -10.16 44.62 -5.32
C SER A 220 -9.37 45.31 -6.44
N CYS A 221 -8.06 45.04 -6.57
CA CYS A 221 -7.30 45.62 -7.70
C CYS A 221 -6.99 44.41 -8.58
N GLU A 222 -7.58 44.38 -9.77
CA GLU A 222 -7.35 43.30 -10.73
C GLU A 222 -6.20 43.77 -11.63
N VAL A 223 -5.21 42.92 -11.83
CA VAL A 223 -4.07 43.29 -12.67
C VAL A 223 -4.40 42.94 -14.10
N LYS A 224 -4.31 43.92 -14.98
CA LYS A 224 -4.60 43.74 -16.39
C LYS A 224 -3.35 43.51 -17.27
N SER A 225 -2.20 44.01 -16.86
CA SER A 225 -0.99 43.78 -17.66
C SER A 225 0.34 43.88 -16.91
N ILE A 226 1.32 43.13 -17.39
CA ILE A 226 2.65 43.09 -16.79
C ILE A 226 3.67 43.23 -17.92
N THR A 227 4.52 44.24 -17.80
CA THR A 227 5.50 44.54 -18.84
C THR A 227 6.93 44.69 -18.31
N ARG A 228 7.88 44.06 -18.99
CA ARG A 228 9.28 44.16 -18.59
C ARG A 228 9.96 45.30 -19.33
N GLU A 229 10.25 46.38 -18.61
CA GLU A 229 10.92 47.53 -19.20
C GLU A 229 12.41 47.18 -19.27
N PRO A 230 12.88 46.68 -20.43
CA PRO A 230 14.29 46.28 -20.61
C PRO A 230 15.31 47.22 -19.95
N SER A 231 15.42 47.09 -18.62
CA SER A 231 16.32 47.90 -17.81
C SER A 231 16.20 47.49 -16.34
N LYS A 232 15.66 46.29 -16.10
CA LYS A 232 15.51 45.81 -14.74
C LYS A 232 14.36 46.45 -13.98
N ASN A 233 13.27 46.72 -14.68
CA ASN A 233 12.11 47.33 -14.07
C ASN A 233 10.87 46.66 -14.64
N VAL A 234 9.94 46.32 -13.76
CA VAL A 234 8.71 45.66 -14.17
C VAL A 234 7.53 46.58 -13.91
N THR A 235 6.73 46.84 -14.94
CA THR A 235 5.56 47.71 -14.80
C THR A 235 4.30 46.86 -14.62
N VAL A 236 3.44 47.27 -13.68
CA VAL A 236 2.20 46.56 -13.40
C VAL A 236 1.00 47.52 -13.46
N ASN A 237 -0.02 47.16 -14.25
CA ASN A 237 -1.19 48.02 -14.39
C ASN A 237 -2.45 47.43 -13.77
N CYS A 238 -3.02 48.13 -12.78
CA CYS A 238 -4.26 47.70 -12.13
C CYS A 238 -5.40 48.29 -12.98
N GLU A 239 -6.56 47.62 -13.01
CA GLU A 239 -7.69 48.11 -13.79
C GLU A 239 -8.11 49.52 -13.36
N ASP A 240 -8.10 49.77 -12.04
CA ASP A 240 -8.48 51.10 -11.53
C ASP A 240 -7.49 52.19 -11.98
N GLY A 241 -6.59 51.84 -12.89
CA GLY A 241 -5.64 52.81 -13.39
C GLY A 241 -4.33 53.03 -12.65
N THR A 242 -4.21 52.66 -11.38
CA THR A 242 -2.94 52.87 -10.70
C THR A 242 -1.84 52.14 -11.47
N VAL A 243 -0.65 52.74 -11.49
CA VAL A 243 0.49 52.15 -12.18
C VAL A 243 1.61 51.99 -11.17
N TYR A 244 2.20 50.79 -11.18
CA TYR A 244 3.29 50.47 -10.27
C TYR A 244 4.48 49.97 -11.06
N ASN A 245 5.65 50.18 -10.47
CA ASN A 245 6.91 49.78 -11.04
C ASN A 245 7.68 49.11 -9.92
N ALA A 246 8.15 47.89 -10.16
CA ALA A 246 8.88 47.16 -9.13
C ALA A 246 9.99 46.34 -9.72
N ASP A 247 10.89 45.87 -8.87
CA ASP A 247 12.03 45.09 -9.33
C ASP A 247 11.65 43.64 -9.67
N TYR A 248 10.80 43.03 -8.86
CA TYR A 248 10.37 41.65 -9.12
C TYR A 248 8.86 41.51 -8.98
N VAL A 249 8.32 40.45 -9.58
CA VAL A 249 6.89 40.15 -9.46
C VAL A 249 6.66 38.64 -9.38
N ILE A 250 5.85 38.22 -8.42
CA ILE A 250 5.52 36.82 -8.24
C ILE A 250 4.06 36.69 -8.67
N ILE A 251 3.83 36.01 -9.77
CA ILE A 251 2.48 35.83 -10.31
C ILE A 251 1.88 34.52 -9.82
N THR A 252 0.79 34.58 -9.05
CA THR A 252 0.20 33.35 -8.53
C THR A 252 -1.22 33.01 -9.03
N VAL A 253 -1.66 33.63 -10.12
CA VAL A 253 -3.00 33.35 -10.61
C VAL A 253 -3.13 31.88 -11.00
N PRO A 254 -4.35 31.35 -10.98
CA PRO A 254 -4.58 29.95 -11.34
C PRO A 254 -4.08 29.63 -12.73
N GLN A 255 -3.66 28.39 -12.92
CA GLN A 255 -3.19 27.91 -14.22
C GLN A 255 -4.27 28.10 -15.31
N SER A 256 -5.54 27.96 -14.94
CA SER A 256 -6.60 28.12 -15.93
C SER A 256 -6.74 29.58 -16.34
N VAL A 257 -6.43 30.47 -15.39
CA VAL A 257 -6.48 31.91 -15.63
C VAL A 257 -5.26 32.36 -16.43
N LEU A 258 -4.08 31.87 -16.08
CA LEU A 258 -2.87 32.26 -16.81
C LEU A 258 -2.92 31.76 -18.25
N ASN A 259 -3.67 30.69 -18.48
CA ASN A 259 -3.81 30.13 -19.82
C ASN A 259 -4.42 31.16 -20.77
N LEU A 260 -5.27 32.03 -20.22
CA LEU A 260 -5.94 33.06 -21.00
C LEU A 260 -4.93 33.99 -21.65
N SER A 261 -3.72 34.04 -21.10
CA SER A 261 -2.68 34.89 -21.65
C SER A 261 -2.26 34.47 -23.05
N VAL A 262 -2.24 33.16 -23.28
CA VAL A 262 -1.83 32.61 -24.58
C VAL A 262 -2.94 32.73 -25.61
N GLN A 263 -3.77 33.75 -25.47
CA GLN A 263 -4.88 33.97 -26.39
C GLN A 263 -5.15 35.47 -26.59
N PRO A 264 -5.73 35.82 -27.74
CA PRO A 264 -6.04 37.22 -28.05
C PRO A 264 -7.32 37.57 -27.30
N GLU A 265 -7.69 38.85 -27.27
CA GLU A 265 -8.89 39.29 -26.55
C GLU A 265 -8.49 39.45 -25.09
N LYS A 266 -8.34 40.68 -24.64
CA LYS A 266 -7.92 40.94 -23.27
C LYS A 266 -9.04 41.35 -22.32
N ASN A 267 -10.24 41.52 -22.85
CA ASN A 267 -11.36 41.93 -22.01
C ASN A 267 -11.92 40.79 -21.12
N LEU A 268 -11.11 39.77 -20.86
CA LEU A 268 -11.55 38.65 -20.02
C LEU A 268 -11.16 38.89 -18.57
N ARG A 269 -12.08 38.65 -17.64
CA ARG A 269 -11.77 38.87 -16.23
C ARG A 269 -10.63 37.97 -15.80
N GLY A 270 -9.60 38.56 -15.17
CA GLY A 270 -8.47 37.78 -14.71
C GLY A 270 -7.28 37.73 -15.66
N ARG A 271 -7.51 37.85 -16.96
CA ARG A 271 -6.42 37.79 -17.92
C ARG A 271 -5.37 38.91 -17.83
N ILE A 272 -4.11 38.49 -17.88
CA ILE A 272 -2.99 39.41 -17.82
C ILE A 272 -2.29 39.49 -19.19
N GLU A 273 -2.14 40.69 -19.72
CA GLU A 273 -1.45 40.87 -20.99
C GLU A 273 0.06 40.97 -20.67
N PHE A 274 0.86 40.08 -21.25
CA PHE A 274 2.31 40.05 -21.03
C PHE A 274 3.09 40.67 -22.18
N GLN A 275 4.06 41.51 -21.85
CA GLN A 275 4.90 42.13 -22.88
C GLN A 275 6.32 42.16 -22.34
N PRO A 276 7.23 41.41 -22.98
CA PRO A 276 6.91 40.56 -24.13
C PRO A 276 6.00 39.40 -23.73
N PRO A 277 5.48 38.64 -24.71
CA PRO A 277 4.59 37.54 -24.33
C PRO A 277 5.31 36.32 -23.73
N LEU A 278 4.59 35.55 -22.94
CA LEU A 278 5.13 34.36 -22.30
C LEU A 278 5.90 33.50 -23.30
N LYS A 279 7.13 33.14 -22.93
CA LYS A 279 8.00 32.33 -23.78
C LYS A 279 7.27 31.11 -24.33
N PRO A 280 7.66 30.64 -25.53
CA PRO A 280 7.01 29.48 -26.14
C PRO A 280 7.05 28.20 -25.31
N VAL A 281 8.02 28.11 -24.41
CA VAL A 281 8.13 26.93 -23.57
C VAL A 281 6.91 26.82 -22.66
N ILE A 282 6.48 27.99 -22.17
CA ILE A 282 5.34 28.10 -21.28
C ILE A 282 3.99 27.90 -21.99
N GLN A 283 3.75 28.62 -23.07
CA GLN A 283 2.48 28.46 -23.80
C GLN A 283 2.26 27.00 -24.17
N ASP A 284 3.34 26.36 -24.60
CA ASP A 284 3.31 24.96 -25.03
C ASP A 284 3.04 23.94 -23.94
N ALA A 285 3.41 24.25 -22.70
CA ALA A 285 3.16 23.32 -21.61
C ALA A 285 1.64 23.20 -21.39
N PHE A 286 0.90 24.23 -21.79
CA PHE A 286 -0.55 24.21 -21.64
C PHE A 286 -1.23 23.10 -22.45
N ASP A 287 -0.48 22.48 -23.36
CA ASP A 287 -1.03 21.41 -24.19
C ASP A 287 -0.77 20.07 -23.53
N LYS A 288 0.11 20.06 -22.52
CA LYS A 288 0.46 18.81 -21.86
C LYS A 288 -0.09 18.67 -20.45
N ILE A 289 -0.93 19.60 -20.03
CA ILE A 289 -1.53 19.52 -18.70
C ILE A 289 -2.93 20.15 -18.78
N HIS A 290 -3.84 19.74 -17.91
CA HIS A 290 -5.19 20.31 -17.94
C HIS A 290 -5.73 20.71 -16.58
N PHE A 291 -7.03 20.93 -16.50
CA PHE A 291 -7.66 21.36 -15.26
C PHE A 291 -8.87 20.50 -14.90
N GLY A 292 -8.94 20.05 -13.65
CA GLY A 292 -10.05 19.23 -13.22
C GLY A 292 -11.17 20.05 -12.59
N ALA A 293 -12.21 19.37 -12.13
CA ALA A 293 -13.33 20.07 -11.55
C ALA A 293 -13.95 19.36 -10.33
N LEU A 294 -13.18 19.24 -9.26
CA LEU A 294 -13.73 18.66 -8.06
C LEU A 294 -14.75 19.70 -7.61
N GLY A 295 -15.78 19.28 -6.90
CA GLY A 295 -16.81 20.23 -6.46
C GLY A 295 -17.48 19.73 -5.19
N LYS A 296 -18.17 20.62 -4.48
CA LYS A 296 -18.84 20.26 -3.24
C LYS A 296 -20.30 20.67 -3.17
N VAL A 297 -21.05 19.95 -2.34
CA VAL A 297 -22.48 20.20 -2.09
C VAL A 297 -22.68 19.83 -0.63
N ILE A 298 -23.07 20.80 0.19
CA ILE A 298 -23.29 20.56 1.61
C ILE A 298 -24.79 20.43 1.89
N PHE A 299 -25.21 19.33 2.50
CA PHE A 299 -26.61 19.13 2.86
C PHE A 299 -26.73 19.34 4.36
N GLU A 300 -27.47 20.36 4.77
CA GLU A 300 -27.62 20.63 6.20
C GLU A 300 -28.94 20.11 6.76
N PHE A 301 -28.88 19.39 7.89
CA PHE A 301 -30.08 18.85 8.51
C PHE A 301 -30.28 19.44 9.91
N GLU A 302 -31.51 19.34 10.40
CA GLU A 302 -31.90 19.85 11.71
C GLU A 302 -31.08 19.24 12.83
N GLU A 303 -31.01 17.91 12.85
CA GLU A 303 -30.24 17.21 13.87
C GLU A 303 -29.88 15.80 13.39
N CYS A 304 -28.84 15.21 13.99
CA CYS A 304 -28.42 13.87 13.61
C CYS A 304 -29.42 12.82 14.09
N CYS A 305 -29.88 11.98 13.17
CA CYS A 305 -30.82 10.91 13.49
C CYS A 305 -30.40 9.71 12.63
N TRP A 306 -29.09 9.55 12.47
CA TRP A 306 -28.53 8.44 11.68
C TRP A 306 -27.28 7.88 12.35
N SER A 307 -26.86 6.70 11.89
CA SER A 307 -25.67 6.04 12.46
C SER A 307 -24.36 6.78 12.23
N ASN A 308 -23.49 6.75 13.24
CA ASN A 308 -22.18 7.38 13.13
C ASN A 308 -21.10 6.32 13.16
N GLU A 309 -21.35 5.23 12.44
CA GLU A 309 -20.41 4.12 12.35
C GLU A 309 -19.12 4.63 11.73
N SER A 310 -19.24 5.39 10.65
CA SER A 310 -18.09 5.95 9.95
C SER A 310 -18.36 7.36 9.42
N SER A 311 -17.30 8.08 9.06
CA SER A 311 -17.46 9.42 8.55
C SER A 311 -17.18 9.49 7.05
N LYS A 312 -16.90 8.33 6.45
CA LYS A 312 -16.60 8.27 5.03
C LYS A 312 -17.56 7.27 4.39
N ILE A 313 -18.36 7.75 3.44
CA ILE A 313 -19.35 6.93 2.75
C ILE A 313 -19.27 7.18 1.25
N VAL A 314 -19.23 6.10 0.47
CA VAL A 314 -19.19 6.25 -0.98
C VAL A 314 -20.26 5.42 -1.66
N THR A 315 -20.98 6.04 -2.58
CA THR A 315 -22.06 5.39 -3.33
C THR A 315 -21.59 5.05 -4.74
N LEU A 316 -21.70 3.78 -5.12
CA LEU A 316 -21.25 3.34 -6.45
C LEU A 316 -22.28 3.58 -7.55
N ALA A 317 -21.82 3.62 -8.79
CA ALA A 317 -22.70 3.82 -9.93
C ALA A 317 -23.32 2.47 -10.30
N ASN A 318 -24.53 2.47 -10.86
CA ASN A 318 -25.18 1.23 -11.24
C ASN A 318 -24.28 0.32 -12.10
N SER A 319 -24.38 -1.00 -11.92
CA SER A 319 -23.61 -1.94 -12.73
C SER A 319 -24.59 -3.02 -13.25
N THR A 320 -24.25 -3.66 -14.36
CA THR A 320 -25.15 -4.67 -14.93
C THR A 320 -24.55 -6.06 -15.03
N ASN A 321 -25.41 -7.07 -15.22
CA ASN A 321 -24.97 -8.47 -15.35
C ASN A 321 -24.46 -8.75 -16.76
N GLU A 322 -24.79 -7.89 -17.71
CA GLU A 322 -24.33 -8.09 -19.09
C GLU A 322 -22.84 -7.81 -19.17
N PHE A 323 -22.37 -6.80 -18.43
CA PHE A 323 -20.96 -6.45 -18.42
C PHE A 323 -20.17 -7.73 -18.15
N VAL A 324 -20.63 -8.49 -17.16
CA VAL A 324 -19.99 -9.73 -16.78
C VAL A 324 -19.90 -10.71 -17.93
N GLU A 325 -21.06 -11.00 -18.52
CA GLU A 325 -21.13 -11.92 -19.64
C GLU A 325 -20.16 -11.48 -20.73
N ILE A 326 -20.09 -10.18 -20.97
CA ILE A 326 -19.18 -9.64 -21.98
C ILE A 326 -17.73 -9.91 -21.61
N VAL A 327 -17.40 -9.68 -20.34
CA VAL A 327 -16.05 -9.89 -19.84
C VAL A 327 -15.67 -11.37 -19.99
N ARG A 328 -16.64 -12.25 -19.70
CA ARG A 328 -16.42 -13.70 -19.82
C ARG A 328 -16.24 -14.16 -21.26
N ASN A 329 -17.07 -13.67 -22.17
CA ASN A 329 -16.99 -14.07 -23.57
C ASN A 329 -15.96 -13.29 -24.37
N ALA A 330 -15.45 -12.21 -23.80
CA ALA A 330 -14.45 -11.41 -24.49
C ALA A 330 -13.40 -12.30 -25.11
N GLU A 331 -12.92 -11.92 -26.28
CA GLU A 331 -11.89 -12.72 -26.95
C GLU A 331 -10.52 -12.18 -26.54
N ASN A 332 -10.30 -10.91 -26.82
CA ASN A 332 -9.05 -10.25 -26.48
C ASN A 332 -9.35 -8.80 -26.14
N LEU A 333 -8.37 -7.92 -26.26
CA LEU A 333 -8.55 -6.51 -25.94
C LEU A 333 -9.59 -5.84 -26.83
N ASP A 334 -9.32 -5.79 -28.14
CA ASP A 334 -10.21 -5.17 -29.12
C ASP A 334 -11.64 -5.71 -29.10
N GLU A 335 -11.78 -7.02 -28.94
CA GLU A 335 -13.09 -7.65 -28.90
C GLU A 335 -13.91 -7.06 -27.75
N LEU A 336 -13.25 -6.81 -26.63
CA LEU A 336 -13.94 -6.24 -25.46
C LEU A 336 -14.25 -4.78 -25.72
N ASP A 337 -13.27 -4.06 -26.27
CA ASP A 337 -13.44 -2.64 -26.58
C ASP A 337 -14.60 -2.50 -27.55
N SER A 338 -14.80 -3.52 -28.37
CA SER A 338 -15.89 -3.50 -29.32
C SER A 338 -17.21 -3.81 -28.64
N MET A 339 -17.37 -5.06 -28.22
CA MET A 339 -18.59 -5.52 -27.55
C MET A 339 -19.16 -4.48 -26.61
N LEU A 340 -18.30 -3.76 -25.90
CA LEU A 340 -18.75 -2.73 -24.99
C LEU A 340 -19.29 -1.57 -25.82
N GLU A 341 -20.58 -1.65 -26.14
CA GLU A 341 -21.26 -0.63 -26.93
C GLU A 341 -22.74 -1.00 -27.00
N ARG A 342 -23.58 -0.16 -26.40
CA ARG A 342 -25.02 -0.40 -26.38
C ARG A 342 -25.84 0.86 -26.72
N GLU A 343 -27.16 0.69 -26.72
CA GLU A 343 -28.08 1.78 -27.01
C GLU A 343 -29.25 1.69 -26.03
N THR A 349 -31.18 6.61 -20.49
CA THR A 349 -29.88 6.92 -21.06
C THR A 349 -29.39 8.28 -20.57
N SER A 350 -30.13 8.86 -19.62
CA SER A 350 -29.75 10.16 -19.09
C SER A 350 -28.81 10.01 -17.90
N VAL A 351 -28.46 11.14 -17.28
CA VAL A 351 -27.59 11.13 -16.11
C VAL A 351 -28.37 11.41 -14.84
N THR A 352 -28.14 10.58 -13.83
CA THR A 352 -28.80 10.72 -12.55
C THR A 352 -27.74 10.63 -11.45
N CYS A 353 -28.17 10.56 -10.21
CA CYS A 353 -27.23 10.47 -9.10
C CYS A 353 -26.50 9.14 -9.05
N TRP A 354 -27.01 8.15 -9.77
CA TRP A 354 -26.43 6.81 -9.82
C TRP A 354 -25.55 6.58 -11.05
N SER A 355 -25.31 7.64 -11.83
CA SER A 355 -24.51 7.51 -13.03
C SER A 355 -23.01 7.64 -12.80
N GLN A 356 -22.63 7.96 -11.57
CA GLN A 356 -21.22 8.10 -11.20
C GLN A 356 -21.07 8.02 -9.69
N PRO A 357 -19.89 7.59 -9.22
CA PRO A 357 -19.65 7.48 -7.79
C PRO A 357 -19.67 8.86 -7.10
N LEU A 358 -20.23 8.90 -5.91
CA LEU A 358 -20.30 10.11 -5.12
C LEU A 358 -19.69 9.81 -3.76
N PHE A 359 -18.95 10.77 -3.20
CA PHE A 359 -18.30 10.61 -1.90
C PHE A 359 -18.88 11.52 -0.82
N PHE A 360 -19.52 10.92 0.18
CA PHE A 360 -20.12 11.70 1.27
C PHE A 360 -19.33 11.64 2.56
N VAL A 361 -19.14 12.79 3.19
CA VAL A 361 -18.44 12.86 4.46
C VAL A 361 -19.49 13.11 5.54
N ASN A 362 -19.61 12.21 6.52
CA ASN A 362 -20.59 12.40 7.58
C ASN A 362 -19.97 13.22 8.73
N LEU A 363 -20.18 14.53 8.69
CA LEU A 363 -19.63 15.44 9.68
C LEU A 363 -20.06 15.19 11.11
N SER A 364 -21.22 14.56 11.29
CA SER A 364 -21.75 14.30 12.62
C SER A 364 -20.82 13.46 13.47
N LYS A 365 -20.11 12.50 12.87
CA LYS A 365 -19.20 11.70 13.66
C LYS A 365 -17.90 12.46 13.91
N SER A 366 -17.34 13.01 12.84
CA SER A 366 -16.08 13.73 12.88
C SER A 366 -16.05 15.12 13.53
N THR A 367 -17.11 15.91 13.37
CA THR A 367 -17.12 17.25 13.93
C THR A 367 -18.32 17.54 14.83
N GLY A 368 -19.30 16.64 14.83
CA GLY A 368 -20.48 16.83 15.65
C GLY A 368 -21.58 17.67 15.00
N VAL A 369 -21.36 18.12 13.78
CA VAL A 369 -22.37 18.93 13.09
C VAL A 369 -23.25 18.00 12.26
N ALA A 370 -24.55 18.29 12.21
CA ALA A 370 -25.48 17.44 11.46
C ALA A 370 -25.52 17.74 9.97
N SER A 371 -24.45 17.43 9.25
CA SER A 371 -24.41 17.70 7.83
C SER A 371 -23.47 16.77 7.06
N PHE A 372 -23.73 16.65 5.77
CA PHE A 372 -22.92 15.83 4.89
C PHE A 372 -22.13 16.72 3.91
N MET A 373 -20.84 16.44 3.76
CA MET A 373 -20.02 17.17 2.81
C MET A 373 -19.79 16.18 1.69
N MET A 374 -20.37 16.44 0.52
CA MET A 374 -20.26 15.53 -0.61
C MET A 374 -19.38 16.09 -1.71
N LEU A 375 -18.52 15.24 -2.25
CA LEU A 375 -17.62 15.63 -3.33
C LEU A 375 -18.08 15.03 -4.66
N MET A 376 -18.02 15.81 -5.74
CA MET A 376 -18.43 15.35 -7.06
C MET A 376 -17.31 15.60 -8.07
N GLN A 377 -17.32 14.87 -9.18
CA GLN A 377 -16.30 15.02 -10.21
C GLN A 377 -16.86 15.62 -11.50
N ALA A 378 -16.04 15.69 -12.54
CA ALA A 378 -16.46 16.20 -13.84
C ALA A 378 -16.82 14.96 -14.62
N PRO A 379 -17.80 15.03 -15.52
CA PRO A 379 -18.62 16.18 -15.89
C PRO A 379 -19.71 16.61 -14.92
N LEU A 380 -20.06 15.78 -13.96
CA LEU A 380 -21.13 16.17 -13.05
C LEU A 380 -20.97 17.57 -12.40
N THR A 381 -19.80 17.88 -11.84
CA THR A 381 -19.60 19.18 -11.22
C THR A 381 -20.04 20.35 -12.10
N ASN A 382 -19.63 20.36 -13.36
CA ASN A 382 -19.99 21.47 -14.23
C ASN A 382 -21.51 21.60 -14.40
N HIS A 383 -22.19 20.47 -14.58
CA HIS A 383 -23.63 20.53 -14.73
C HIS A 383 -24.32 20.91 -13.42
N ILE A 384 -23.85 20.37 -12.29
CA ILE A 384 -24.47 20.68 -11.01
C ILE A 384 -24.25 22.11 -10.57
N GLU A 385 -23.09 22.68 -10.86
CA GLU A 385 -22.85 24.06 -10.45
C GLU A 385 -23.60 25.02 -11.36
N SER A 386 -24.03 24.54 -12.53
CA SER A 386 -24.74 25.39 -13.46
C SER A 386 -26.24 25.38 -13.16
N ILE A 387 -26.60 24.96 -11.95
CA ILE A 387 -28.00 24.96 -11.52
C ILE A 387 -28.02 25.08 -10.00
N ARG A 388 -26.91 25.55 -9.43
CA ARG A 388 -26.79 25.70 -7.99
C ARG A 388 -27.81 26.64 -7.40
N GLU A 389 -28.39 27.48 -8.24
CA GLU A 389 -29.36 28.47 -7.79
C GLU A 389 -30.77 27.93 -7.59
N ASP A 390 -31.03 26.74 -8.14
CA ASP A 390 -32.34 26.09 -8.06
C ASP A 390 -32.30 24.97 -7.00
N LYS A 391 -32.45 25.35 -5.73
CA LYS A 391 -32.41 24.38 -4.62
C LYS A 391 -33.42 23.24 -4.71
N GLU A 392 -34.59 23.51 -5.30
CA GLU A 392 -35.59 22.46 -5.44
C GLU A 392 -35.08 21.38 -6.36
N ARG A 393 -34.61 21.79 -7.53
CA ARG A 393 -34.07 20.86 -8.50
C ARG A 393 -32.94 20.03 -7.88
N LEU A 394 -32.02 20.70 -7.19
CA LEU A 394 -30.91 19.98 -6.55
C LEU A 394 -31.42 18.88 -5.61
N PHE A 395 -32.39 19.22 -4.76
CA PHE A 395 -32.91 18.24 -3.81
C PHE A 395 -33.50 17.03 -4.51
N SER A 396 -34.15 17.25 -5.64
CA SER A 396 -34.73 16.14 -6.35
C SER A 396 -33.62 15.25 -6.88
N PHE A 397 -32.77 15.84 -7.70
CA PHE A 397 -31.65 15.12 -8.29
C PHE A 397 -30.97 14.13 -7.33
N PHE A 398 -30.66 14.62 -6.13
CA PHE A 398 -29.96 13.83 -5.10
C PHE A 398 -30.81 13.05 -4.11
N GLN A 399 -32.13 13.16 -4.18
CA GLN A 399 -32.98 12.46 -3.22
C GLN A 399 -32.84 10.94 -3.13
N PRO A 400 -32.73 10.24 -4.27
CA PRO A 400 -32.61 8.79 -4.15
C PRO A 400 -31.36 8.27 -3.39
N VAL A 401 -30.18 8.83 -3.68
CA VAL A 401 -28.97 8.41 -2.97
C VAL A 401 -29.06 8.85 -1.52
N LEU A 402 -29.64 10.01 -1.28
CA LEU A 402 -29.79 10.47 0.08
C LEU A 402 -30.61 9.46 0.86
N ASN A 403 -31.68 8.95 0.24
CA ASN A 403 -32.53 7.97 0.92
C ASN A 403 -31.78 6.67 1.17
N LYS A 404 -31.15 6.16 0.12
CA LYS A 404 -30.40 4.92 0.24
C LYS A 404 -29.43 4.98 1.42
N ILE A 405 -28.70 6.09 1.53
CA ILE A 405 -27.73 6.28 2.60
C ILE A 405 -28.40 6.17 3.96
N MET A 406 -29.44 6.96 4.18
CA MET A 406 -30.14 6.94 5.46
C MET A 406 -30.65 5.53 5.79
N LYS A 407 -31.16 4.83 4.78
CA LYS A 407 -31.65 3.47 4.97
C LYS A 407 -30.51 2.63 5.51
N CYS A 408 -29.38 2.66 4.83
CA CYS A 408 -28.22 1.90 5.25
C CYS A 408 -27.64 2.34 6.60
N LEU A 409 -27.88 3.60 6.98
CA LEU A 409 -27.38 4.09 8.26
C LEU A 409 -28.45 4.00 9.33
N ASP A 410 -29.38 3.08 9.12
CA ASP A 410 -30.47 2.81 10.05
C ASP A 410 -31.40 3.99 10.33
N SER A 411 -31.84 4.64 9.25
CA SER A 411 -32.75 5.78 9.34
C SER A 411 -33.80 5.68 8.23
N GLU A 412 -34.43 6.81 7.90
CA GLU A 412 -35.47 6.82 6.87
C GLU A 412 -35.38 7.94 5.85
N ASP A 413 -36.25 7.86 4.85
CA ASP A 413 -36.32 8.85 3.77
C ASP A 413 -36.31 10.28 4.31
N VAL A 414 -35.62 11.17 3.60
CA VAL A 414 -35.50 12.56 4.04
C VAL A 414 -36.70 13.46 3.68
N ILE A 415 -36.93 14.47 4.51
CA ILE A 415 -38.03 15.43 4.33
C ILE A 415 -37.54 16.83 3.95
N ASP A 416 -38.01 17.32 2.81
CA ASP A 416 -37.63 18.64 2.34
C ASP A 416 -38.12 19.67 3.34
N GLY A 417 -37.21 20.19 4.14
CA GLY A 417 -37.59 21.20 5.11
C GLY A 417 -36.91 22.52 4.81
N MET A 418 -36.50 22.71 3.56
CA MET A 418 -35.83 23.94 3.17
C MET A 418 -36.77 25.14 3.30
N ARG A 419 -38.07 24.89 3.19
CA ARG A 419 -39.06 25.96 3.28
C ARG A 419 -40.03 25.70 4.43
N ALA A 427 -41.08 13.63 14.34
CA ALA A 427 -39.79 14.17 14.73
C ALA A 427 -38.72 13.11 14.91
N ASN A 428 -38.73 12.11 14.03
CA ASN A 428 -37.74 11.04 14.12
C ASN A 428 -37.13 10.79 12.76
N LYS A 429 -37.46 11.65 11.80
CA LYS A 429 -36.95 11.53 10.44
C LYS A 429 -35.93 12.63 10.13
N PRO A 430 -35.13 12.43 9.09
CA PRO A 430 -34.13 13.44 8.71
C PRO A 430 -34.73 14.59 7.92
N VAL A 431 -34.51 15.82 8.40
CA VAL A 431 -35.03 16.99 7.72
C VAL A 431 -33.90 17.83 7.11
N LEU A 432 -34.01 18.08 5.82
CA LEU A 432 -33.00 18.87 5.12
C LEU A 432 -33.39 20.33 5.23
N ARG A 433 -32.54 21.13 5.86
CA ARG A 433 -32.81 22.55 6.06
C ARG A 433 -32.23 23.47 5.00
N ASN A 434 -31.09 23.10 4.44
CA ASN A 434 -30.44 23.95 3.47
C ASN A 434 -29.39 23.20 2.67
N ILE A 435 -29.16 23.64 1.44
CA ILE A 435 -28.15 23.04 0.58
C ILE A 435 -27.20 24.15 0.14
N ILE A 436 -25.89 23.86 0.16
CA ILE A 436 -24.88 24.83 -0.24
C ILE A 436 -24.11 24.21 -1.39
N VAL A 437 -23.75 25.02 -2.39
CA VAL A 437 -23.00 24.53 -3.56
C VAL A 437 -21.74 25.31 -3.87
N SER A 438 -20.81 24.66 -4.56
CA SER A 438 -19.54 25.28 -4.97
C SER A 438 -19.80 26.16 -6.19
N ASN A 439 -18.82 26.99 -6.53
CA ASN A 439 -18.94 27.92 -7.65
C ASN A 439 -17.63 28.03 -8.45
N TRP A 440 -16.65 27.16 -8.17
CA TRP A 440 -15.35 27.24 -8.86
C TRP A 440 -15.35 27.17 -10.39
N THR A 441 -16.20 26.33 -10.98
CA THR A 441 -16.23 26.24 -12.44
C THR A 441 -16.75 27.53 -13.08
N ARG A 442 -17.49 28.34 -12.31
CA ARG A 442 -18.05 29.59 -12.85
C ARG A 442 -17.34 30.91 -12.50
N ASP A 443 -16.70 30.96 -11.33
CA ASP A 443 -15.97 32.15 -10.88
C ASP A 443 -14.85 32.45 -11.87
N PRO A 444 -14.89 33.62 -12.53
CA PRO A 444 -13.83 33.91 -13.48
C PRO A 444 -12.42 33.92 -12.89
N TYR A 445 -12.30 33.85 -11.58
CA TYR A 445 -10.95 33.85 -11.00
C TYR A 445 -10.43 32.46 -10.59
N SER A 446 -11.23 31.42 -10.86
CA SER A 446 -10.87 30.03 -10.57
C SER A 446 -10.88 29.21 -11.86
N ARG A 447 -12.03 29.25 -12.54
CA ARG A 447 -12.25 28.54 -13.79
C ARG A 447 -11.91 27.08 -13.65
N GLY A 448 -12.41 26.47 -12.57
CA GLY A 448 -12.14 25.06 -12.32
C GLY A 448 -11.67 24.87 -10.89
N ALA A 449 -11.21 23.66 -10.56
CA ALA A 449 -10.75 23.36 -9.21
C ALA A 449 -9.21 23.36 -9.04
N TYR A 450 -8.51 22.60 -9.88
CA TYR A 450 -7.04 22.52 -9.86
C TYR A 450 -6.48 21.65 -10.97
N SER A 451 -5.18 21.82 -11.23
CA SER A 451 -4.48 21.09 -12.29
C SER A 451 -4.68 19.60 -12.21
N ALA A 452 -4.97 18.97 -13.35
CA ALA A 452 -5.18 17.54 -13.42
C ALA A 452 -4.65 17.00 -14.74
N CYS A 453 -4.43 15.69 -14.80
CA CYS A 453 -3.89 15.04 -15.99
C CYS A 453 -4.89 14.25 -16.87
N PHE A 454 -4.77 14.44 -18.17
CA PHE A 454 -5.59 13.75 -19.17
C PHE A 454 -4.66 12.71 -19.76
N PRO A 455 -5.19 11.56 -20.21
CA PRO A 455 -4.28 10.57 -20.79
C PRO A 455 -3.31 11.18 -21.80
N GLY A 456 -2.01 10.90 -21.62
CA GLY A 456 -1.01 11.45 -22.52
C GLY A 456 -0.39 12.73 -21.99
N ASP A 457 -0.94 13.27 -20.91
CA ASP A 457 -0.40 14.50 -20.34
C ASP A 457 0.93 14.24 -19.65
N ASP A 458 1.68 15.33 -19.44
CA ASP A 458 2.98 15.27 -18.79
C ASP A 458 3.06 16.51 -17.92
N PRO A 459 2.67 16.41 -16.64
CA PRO A 459 2.71 17.54 -15.73
C PRO A 459 4.09 18.16 -15.53
N VAL A 460 5.14 17.33 -15.57
CA VAL A 460 6.51 17.82 -15.39
C VAL A 460 6.81 19.02 -16.30
N ASP A 461 6.21 19.06 -17.48
CA ASP A 461 6.42 20.17 -18.40
C ASP A 461 6.00 21.52 -17.82
N MET A 462 4.82 21.57 -17.21
CA MET A 462 4.33 22.82 -16.65
C MET A 462 5.15 23.26 -15.45
N VAL A 463 5.48 22.33 -14.57
CA VAL A 463 6.27 22.65 -13.39
C VAL A 463 7.62 23.25 -13.76
N VAL A 464 8.29 22.63 -14.72
CA VAL A 464 9.60 23.09 -15.16
C VAL A 464 9.55 24.50 -15.73
N ALA A 465 8.63 24.73 -16.67
CA ALA A 465 8.49 26.04 -17.28
C ALA A 465 8.11 27.08 -16.24
N MET A 466 7.20 26.70 -15.35
CA MET A 466 6.75 27.60 -14.30
C MET A 466 7.85 27.97 -13.31
N SER A 467 8.48 26.97 -12.69
CA SER A 467 9.52 27.28 -11.71
C SER A 467 10.80 27.90 -12.28
N ASN A 468 10.91 27.91 -13.61
CA ASN A 468 12.07 28.52 -14.27
C ASN A 468 11.82 30.00 -14.47
N GLY A 469 10.53 30.35 -14.60
CA GLY A 469 10.14 31.74 -14.79
C GLY A 469 10.05 32.28 -16.21
N GLN A 470 9.47 33.46 -16.35
CA GLN A 470 9.37 34.12 -17.65
C GLN A 470 10.78 34.62 -17.95
N ASP A 471 11.38 35.24 -16.93
CA ASP A 471 12.76 35.73 -16.98
C ASP A 471 13.19 35.89 -15.53
N SER A 472 14.29 36.60 -15.27
CA SER A 472 14.76 36.74 -13.88
C SER A 472 13.88 37.57 -12.97
N ARG A 473 13.02 38.42 -13.53
CA ARG A 473 12.17 39.27 -12.70
C ARG A 473 10.70 38.85 -12.63
N ILE A 474 10.25 38.14 -13.66
CA ILE A 474 8.86 37.69 -13.76
C ILE A 474 8.74 36.22 -13.37
N ARG A 475 8.35 35.98 -12.11
CA ARG A 475 8.24 34.64 -11.52
C ARG A 475 6.81 34.08 -11.33
N PHE A 476 6.71 32.78 -11.09
CA PHE A 476 5.41 32.16 -10.88
C PHE A 476 5.34 31.27 -9.64
N ALA A 477 4.14 31.20 -9.04
CA ALA A 477 3.88 30.36 -7.88
C ALA A 477 2.42 29.88 -7.92
N GLY A 478 2.11 28.88 -7.11
CA GLY A 478 0.76 28.35 -7.11
C GLY A 478 0.77 26.84 -7.18
N GLU A 479 -0.38 26.21 -6.93
CA GLU A 479 -0.51 24.74 -6.91
C GLU A 479 0.00 24.02 -8.14
N HIS A 480 0.02 24.70 -9.29
CA HIS A 480 0.49 24.12 -10.55
C HIS A 480 1.98 24.38 -10.87
N THR A 481 2.74 24.95 -9.94
CA THR A 481 4.12 25.24 -10.26
C THR A 481 5.14 24.42 -9.47
N ILE A 482 4.70 23.33 -8.86
CA ILE A 482 5.58 22.52 -8.05
C ILE A 482 5.24 21.04 -8.14
N MET A 483 6.24 20.19 -7.94
CA MET A 483 6.07 18.74 -8.04
C MET A 483 5.49 18.13 -6.75
N ASP A 484 6.19 18.32 -5.64
CA ASP A 484 5.68 17.80 -4.38
C ASP A 484 4.46 18.57 -3.95
N GLY A 485 3.37 17.84 -3.70
CA GLY A 485 2.15 18.51 -3.30
C GLY A 485 1.49 19.23 -4.46
N ALA A 486 1.59 18.67 -5.66
CA ALA A 486 0.96 19.29 -6.81
C ALA A 486 -0.55 19.29 -6.58
N GLY A 487 -1.20 20.39 -6.92
CA GLY A 487 -2.64 20.48 -6.75
C GLY A 487 -3.09 20.69 -5.32
N CYS A 488 -2.20 20.50 -4.36
CA CYS A 488 -2.56 20.64 -2.94
C CYS A 488 -2.21 22.00 -2.34
N ALA A 489 -2.87 22.31 -1.22
CA ALA A 489 -2.64 23.57 -0.53
C ALA A 489 -1.21 23.73 -0.09
N TYR A 490 -0.61 22.69 0.47
CA TYR A 490 0.78 22.82 0.93
C TYR A 490 1.74 22.93 -0.23
N GLY A 491 1.30 22.54 -1.42
CA GLY A 491 2.17 22.64 -2.58
C GLY A 491 2.27 24.12 -2.96
N ALA A 492 1.12 24.78 -2.99
CA ALA A 492 1.04 26.19 -3.33
C ALA A 492 1.81 26.99 -2.26
N TRP A 493 1.59 26.64 -1.00
CA TRP A 493 2.26 27.31 0.11
C TRP A 493 3.78 27.31 -0.11
N GLU A 494 4.35 26.13 -0.29
CA GLU A 494 5.79 25.97 -0.51
C GLU A 494 6.27 26.70 -1.76
N SER A 495 5.47 26.65 -2.81
CA SER A 495 5.87 27.32 -4.04
C SER A 495 6.03 28.81 -3.75
N GLY A 496 5.26 29.30 -2.80
CA GLY A 496 5.34 30.71 -2.44
C GLY A 496 6.62 31.01 -1.69
N ARG A 497 6.95 30.14 -0.73
CA ARG A 497 8.16 30.26 0.07
C ARG A 497 9.37 30.23 -0.82
N ARG A 498 9.28 29.44 -1.88
CA ARG A 498 10.36 29.29 -2.83
C ARG A 498 10.71 30.57 -3.57
N GLU A 499 9.74 31.17 -4.24
CA GLU A 499 10.00 32.38 -5.01
C GLU A 499 10.48 33.55 -4.17
N ALA A 500 9.96 33.64 -2.94
CA ALA A 500 10.35 34.72 -2.04
C ALA A 500 11.79 34.55 -1.55
N THR A 501 12.17 33.32 -1.23
CA THR A 501 13.52 33.06 -0.75
C THR A 501 14.55 33.41 -1.81
N ARG A 502 14.26 33.02 -3.05
CA ARG A 502 15.16 33.34 -4.16
C ARG A 502 15.37 34.85 -4.27
N ILE A 503 14.28 35.63 -4.26
CA ILE A 503 14.36 37.09 -4.34
C ILE A 503 15.14 37.69 -3.15
N SER A 504 14.90 37.13 -1.97
CA SER A 504 15.60 37.56 -0.76
C SER A 504 17.09 37.31 -0.92
N ASP A 505 17.42 36.17 -1.52
CA ASP A 505 18.81 35.81 -1.73
C ASP A 505 19.49 36.83 -2.63
N LEU A 506 18.77 37.29 -3.65
CA LEU A 506 19.30 38.26 -4.61
C LEU A 506 19.43 39.70 -4.11
N LEU A 507 18.52 40.14 -3.24
CA LEU A 507 18.57 41.51 -2.74
C LEU A 507 19.60 41.61 -1.64
N LYS A 508 19.98 40.45 -1.10
CA LYS A 508 20.95 40.38 -0.02
C LYS A 508 22.30 40.88 -0.48
N LEU A 509 22.59 40.73 -1.77
CA LEU A 509 23.85 41.16 -2.37
C LEU A 509 24.04 42.68 -2.33
N GLU A 510 22.95 43.40 -2.08
CA GLU A 510 23.05 44.85 -2.05
C GLU A 510 23.80 45.39 -0.85
N HIS A 511 24.05 44.54 0.13
CA HIS A 511 24.76 44.98 1.33
C HIS A 511 26.25 44.65 1.36
N HIS A 512 26.73 43.91 0.37
CA HIS A 512 28.16 43.56 0.33
C HIS A 512 29.00 44.79 0.01
N HIS A 513 30.28 44.74 0.37
CA HIS A 513 31.20 45.87 0.15
C HIS A 513 32.16 45.62 -1.01
N LYS B 8 31.05 -40.43 -16.19
CA LYS B 8 29.90 -41.38 -16.09
C LYS B 8 28.55 -40.65 -16.12
N LYS B 9 28.52 -39.43 -15.58
CA LYS B 9 27.29 -38.66 -15.54
C LYS B 9 27.34 -37.24 -16.11
N LYS B 10 26.25 -36.85 -16.76
CA LYS B 10 26.12 -35.52 -17.34
C LYS B 10 25.95 -34.46 -16.24
N VAL B 11 24.83 -34.53 -15.53
CA VAL B 11 24.55 -33.60 -14.45
C VAL B 11 24.12 -34.36 -13.21
N ILE B 12 24.74 -34.06 -12.06
CA ILE B 12 24.38 -34.69 -10.80
C ILE B 12 23.78 -33.63 -9.85
N ILE B 13 22.46 -33.64 -9.75
CA ILE B 13 21.74 -32.69 -8.90
C ILE B 13 21.69 -33.20 -7.45
N ILE B 14 22.19 -32.39 -6.54
CA ILE B 14 22.19 -32.73 -5.12
C ILE B 14 20.98 -32.10 -4.44
N GLY B 15 20.08 -32.95 -3.95
CA GLY B 15 18.88 -32.47 -3.30
C GLY B 15 17.69 -32.70 -4.21
N ALA B 16 16.64 -33.30 -3.66
CA ALA B 16 15.45 -33.58 -4.45
C ALA B 16 14.29 -32.66 -4.06
N GLY B 17 14.63 -31.44 -3.68
CA GLY B 17 13.59 -30.48 -3.33
C GLY B 17 13.05 -29.92 -4.63
N ILE B 18 12.10 -28.99 -4.56
CA ILE B 18 11.52 -28.44 -5.78
C ILE B 18 12.60 -27.90 -6.71
N ALA B 19 13.66 -27.31 -6.15
CA ALA B 19 14.75 -26.77 -6.96
C ALA B 19 15.39 -27.86 -7.81
N GLY B 20 16.02 -28.82 -7.13
CA GLY B 20 16.67 -29.90 -7.82
C GLY B 20 15.74 -30.69 -8.73
N LEU B 21 14.50 -30.91 -8.29
CA LEU B 21 13.54 -31.65 -9.09
C LEU B 21 13.23 -30.96 -10.42
N LYS B 22 12.95 -29.65 -10.36
CA LYS B 22 12.66 -28.89 -11.57
C LYS B 22 13.87 -28.95 -12.50
N ALA B 23 15.06 -28.77 -11.92
CA ALA B 23 16.31 -28.83 -12.69
C ALA B 23 16.29 -30.12 -13.50
N ALA B 24 16.22 -31.26 -12.80
CA ALA B 24 16.17 -32.55 -13.47
C ALA B 24 15.04 -32.53 -14.50
N SER B 25 13.82 -32.28 -14.05
CA SER B 25 12.66 -32.24 -14.95
C SER B 25 13.00 -31.53 -16.26
N THR B 26 13.63 -30.37 -16.14
CA THR B 26 14.02 -29.55 -17.28
C THR B 26 15.07 -30.23 -18.18
N LEU B 27 16.05 -30.89 -17.56
CA LEU B 27 17.11 -31.58 -18.31
C LEU B 27 16.57 -32.68 -19.23
N HIS B 28 15.60 -33.44 -18.75
CA HIS B 28 15.02 -34.49 -19.54
C HIS B 28 14.20 -33.85 -20.66
N GLN B 29 13.42 -32.84 -20.30
CA GLN B 29 12.59 -32.11 -21.24
C GLN B 29 13.45 -31.54 -22.38
N ASN B 30 14.77 -31.57 -22.20
CA ASN B 30 15.69 -31.07 -23.21
C ASN B 30 16.55 -32.17 -23.82
N GLY B 31 16.14 -33.42 -23.63
CA GLY B 31 16.86 -34.55 -24.19
C GLY B 31 18.24 -34.87 -23.65
N ILE B 32 18.54 -34.43 -22.44
CA ILE B 32 19.84 -34.73 -21.84
C ILE B 32 19.63 -36.01 -21.03
N GLN B 33 20.59 -36.92 -21.09
CA GLN B 33 20.45 -38.19 -20.37
C GLN B 33 21.64 -38.54 -19.49
N ASP B 34 21.49 -39.58 -18.68
CA ASP B 34 22.54 -40.03 -17.76
C ASP B 34 22.74 -39.00 -16.64
N CYS B 35 21.67 -38.69 -15.94
CA CYS B 35 21.69 -37.73 -14.84
C CYS B 35 21.29 -38.41 -13.53
N LEU B 36 21.87 -37.94 -12.43
CA LEU B 36 21.58 -38.50 -11.13
C LEU B 36 21.14 -37.47 -10.09
N VAL B 37 20.08 -37.79 -9.36
CA VAL B 37 19.55 -36.91 -8.31
C VAL B 37 19.84 -37.55 -6.94
N LEU B 38 20.80 -36.98 -6.21
CA LEU B 38 21.18 -37.49 -4.90
C LEU B 38 20.50 -36.77 -3.74
N GLU B 39 19.61 -37.49 -3.03
CA GLU B 39 18.88 -36.93 -1.90
C GLU B 39 19.17 -37.65 -0.58
N ALA B 40 19.52 -36.88 0.45
CA ALA B 40 19.81 -37.43 1.78
C ALA B 40 18.62 -38.16 2.42
N ARG B 41 17.46 -37.51 2.48
CA ARG B 41 16.27 -38.11 3.08
C ARG B 41 15.77 -39.30 2.26
N ASP B 42 14.81 -40.04 2.82
CA ASP B 42 14.25 -41.20 2.13
C ASP B 42 13.04 -40.77 1.30
N ARG B 43 12.96 -39.48 1.00
CA ARG B 43 11.85 -38.96 0.22
C ARG B 43 12.27 -37.74 -0.57
N VAL B 44 11.38 -37.33 -1.47
CA VAL B 44 11.59 -36.15 -2.30
C VAL B 44 10.69 -35.07 -1.67
N GLY B 45 10.80 -33.84 -2.15
CA GLY B 45 9.97 -32.78 -1.62
C GLY B 45 10.66 -31.74 -0.75
N GLY B 46 11.85 -32.07 -0.23
CA GLY B 46 12.59 -31.15 0.61
C GLY B 46 11.71 -30.45 1.65
N ARG B 47 11.78 -29.12 1.69
CA ARG B 47 11.00 -28.33 2.63
C ARG B 47 9.55 -28.26 2.20
N LEU B 48 9.16 -29.16 1.30
CA LEU B 48 7.79 -29.26 0.82
C LEU B 48 7.33 -30.66 1.17
N GLN B 49 6.57 -30.80 2.25
CA GLN B 49 6.11 -32.11 2.69
C GLN B 49 4.65 -32.09 3.08
N THR B 50 3.87 -33.04 2.56
CA THR B 50 2.45 -33.12 2.90
C THR B 50 2.27 -34.31 3.83
N VAL B 51 1.60 -34.10 4.96
CA VAL B 51 1.41 -35.18 5.92
C VAL B 51 -0.05 -35.48 6.22
N THR B 52 -0.31 -36.70 6.67
CA THR B 52 -1.67 -37.10 6.99
C THR B 52 -1.89 -37.19 8.50
N GLY B 53 -3.10 -36.87 8.93
CA GLY B 53 -3.43 -36.92 10.35
C GLY B 53 -4.78 -37.60 10.58
N TYR B 54 -5.56 -37.03 11.48
CA TYR B 54 -6.88 -37.55 11.82
C TYR B 54 -7.75 -37.78 10.59
N GLN B 55 -8.43 -38.93 10.57
CA GLN B 55 -9.33 -39.33 9.49
C GLN B 55 -8.73 -39.21 8.10
N GLY B 56 -7.41 -39.17 7.99
CA GLY B 56 -6.80 -39.09 6.68
C GLY B 56 -6.57 -37.70 6.11
N ARG B 57 -6.94 -36.66 6.86
CA ARG B 57 -6.74 -35.29 6.39
C ARG B 57 -5.29 -35.04 6.03
N LYS B 58 -5.07 -34.17 5.06
CA LYS B 58 -3.72 -33.88 4.63
C LYS B 58 -3.40 -32.39 4.79
N TYR B 59 -2.15 -32.09 5.12
CA TYR B 59 -1.70 -30.72 5.32
C TYR B 59 -0.27 -30.49 4.85
N ASP B 60 0.00 -29.31 4.31
CA ASP B 60 1.37 -29.02 3.88
C ASP B 60 2.12 -28.45 5.09
N ILE B 61 2.73 -29.34 5.87
CA ILE B 61 3.47 -28.94 7.06
C ILE B 61 4.64 -28.02 6.72
N GLY B 62 4.89 -27.86 5.42
CA GLY B 62 5.92 -26.97 4.95
C GLY B 62 5.19 -25.85 4.23
N ALA B 63 5.62 -25.52 3.02
CA ALA B 63 4.99 -24.47 2.22
C ALA B 63 3.53 -24.78 1.91
N SER B 64 2.68 -23.76 2.08
CA SER B 64 1.25 -23.93 1.82
C SER B 64 0.70 -23.02 0.73
N TRP B 65 1.27 -21.83 0.61
CA TRP B 65 0.77 -20.84 -0.34
C TRP B 65 1.61 -20.50 -1.56
N HIS B 66 0.88 -20.10 -2.60
CA HIS B 66 1.44 -19.61 -3.84
C HIS B 66 1.39 -18.09 -3.61
N HIS B 67 2.55 -17.44 -3.50
CA HIS B 67 2.61 -15.99 -3.30
C HIS B 67 2.82 -15.25 -4.64
N ASP B 68 2.61 -13.94 -4.64
CA ASP B 68 2.78 -13.13 -5.85
C ASP B 68 2.09 -13.74 -7.08
N THR B 69 0.84 -14.16 -6.92
CA THR B 69 0.10 -14.80 -8.01
C THR B 69 0.01 -14.05 -9.33
N LEU B 70 0.37 -12.76 -9.34
CA LEU B 70 0.31 -11.98 -10.57
C LEU B 70 1.53 -12.24 -11.44
N THR B 71 2.64 -12.61 -10.80
CA THR B 71 3.89 -12.86 -11.52
C THR B 71 4.59 -14.18 -11.18
N ASN B 72 3.96 -15.01 -10.35
CA ASN B 72 4.53 -16.30 -9.95
C ASN B 72 4.38 -17.33 -11.08
N PRO B 73 5.50 -17.64 -11.77
CA PRO B 73 5.48 -18.60 -12.89
C PRO B 73 4.89 -19.98 -12.56
N LEU B 74 5.29 -20.53 -11.41
CA LEU B 74 4.78 -21.84 -11.01
C LEU B 74 3.27 -21.77 -10.85
N PHE B 75 2.77 -20.70 -10.23
CA PHE B 75 1.34 -20.57 -10.05
C PHE B 75 0.66 -20.58 -11.42
N LEU B 76 1.14 -19.71 -12.31
CA LEU B 76 0.60 -19.60 -13.65
C LEU B 76 0.52 -20.99 -14.29
N GLU B 77 1.59 -21.75 -14.17
CA GLU B 77 1.63 -23.09 -14.75
C GLU B 77 0.50 -23.94 -14.17
N GLU B 78 0.35 -23.92 -12.85
CA GLU B 78 -0.71 -24.69 -12.22
C GLU B 78 -2.06 -24.17 -12.70
N ALA B 79 -2.08 -22.90 -13.08
CA ALA B 79 -3.30 -22.25 -13.56
C ALA B 79 -3.70 -22.83 -14.90
N GLN B 80 -2.73 -22.88 -15.82
CA GLN B 80 -2.99 -23.45 -17.15
C GLN B 80 -3.63 -24.82 -17.00
N LEU B 81 -2.91 -25.73 -16.34
CA LEU B 81 -3.40 -27.08 -16.15
C LEU B 81 -4.86 -27.04 -15.72
N SER B 82 -5.12 -26.35 -14.62
CA SER B 82 -6.48 -26.25 -14.11
C SER B 82 -7.48 -25.68 -15.11
N LEU B 83 -7.00 -24.82 -16.01
CA LEU B 83 -7.90 -24.24 -17.01
C LEU B 83 -8.18 -25.28 -18.09
N ASN B 84 -7.24 -26.20 -18.27
CA ASN B 84 -7.35 -27.25 -19.27
C ASN B 84 -8.21 -28.44 -18.85
N ASP B 85 -8.15 -28.85 -17.59
CA ASP B 85 -8.94 -30.02 -17.15
C ASP B 85 -9.94 -29.81 -16.02
N GLY B 86 -10.30 -28.56 -15.76
CA GLY B 86 -11.27 -28.28 -14.71
C GLY B 86 -10.99 -28.88 -13.33
N ARG B 87 -9.73 -29.28 -13.09
CA ARG B 87 -9.36 -29.87 -11.82
C ARG B 87 -8.82 -28.83 -10.84
N THR B 88 -9.39 -28.78 -9.64
CA THR B 88 -8.95 -27.82 -8.63
C THR B 88 -7.55 -28.12 -8.15
N ARG B 89 -6.75 -27.08 -7.98
CA ARG B 89 -5.37 -27.25 -7.52
C ARG B 89 -5.03 -26.22 -6.44
N PHE B 90 -5.90 -25.23 -6.31
CA PHE B 90 -5.67 -24.15 -5.36
C PHE B 90 -6.95 -23.37 -5.11
N VAL B 91 -6.89 -22.49 -4.11
CA VAL B 91 -8.03 -21.66 -3.76
C VAL B 91 -7.51 -20.36 -3.16
N PHE B 92 -8.07 -19.24 -3.59
CA PHE B 92 -7.63 -17.95 -3.05
C PHE B 92 -8.23 -17.78 -1.67
N ASP B 93 -7.39 -17.86 -0.64
CA ASP B 93 -7.86 -17.76 0.73
C ASP B 93 -7.65 -16.43 1.44
N ASP B 94 -7.25 -15.39 0.72
CA ASP B 94 -7.07 -14.09 1.38
C ASP B 94 -8.41 -13.64 1.94
N ASP B 95 -8.38 -12.93 3.07
CA ASP B 95 -9.61 -12.48 3.72
C ASP B 95 -9.32 -11.28 4.66
N ASN B 96 -10.37 -10.72 5.24
CA ASN B 96 -10.24 -9.61 6.17
C ASN B 96 -9.84 -10.23 7.50
N PHE B 97 -8.72 -9.77 8.05
CA PHE B 97 -8.21 -10.31 9.30
C PHE B 97 -8.98 -9.98 10.57
N ILE B 98 -9.15 -10.99 11.43
CA ILE B 98 -9.80 -10.78 12.71
C ILE B 98 -8.67 -10.76 13.74
N TYR B 99 -8.52 -9.63 14.43
CA TYR B 99 -7.47 -9.50 15.43
C TYR B 99 -8.07 -9.64 16.82
N ILE B 100 -7.45 -10.47 17.65
CA ILE B 100 -7.95 -10.70 18.99
C ILE B 100 -6.96 -10.41 20.12
N ASP B 101 -7.36 -9.56 21.05
CA ASP B 101 -6.56 -9.25 22.23
C ASP B 101 -7.24 -9.95 23.40
N GLU B 102 -6.48 -10.77 24.12
CA GLU B 102 -7.01 -11.54 25.24
C GLU B 102 -8.06 -10.84 26.09
N GLU B 103 -7.75 -9.64 26.57
CA GLU B 103 -8.67 -8.91 27.43
C GLU B 103 -9.79 -8.13 26.76
N ARG B 104 -9.50 -7.56 25.60
CA ARG B 104 -10.50 -6.75 24.92
C ARG B 104 -11.32 -7.47 23.84
N GLY B 105 -10.81 -8.58 23.32
CA GLY B 105 -11.53 -9.29 22.28
C GLY B 105 -11.08 -8.83 20.90
N ARG B 106 -12.02 -8.74 19.97
CA ARG B 106 -11.69 -8.32 18.61
C ARG B 106 -11.32 -6.84 18.59
N VAL B 107 -10.36 -6.47 17.74
CA VAL B 107 -9.94 -5.08 17.65
C VAL B 107 -9.82 -4.64 16.19
N ASP B 108 -10.21 -5.53 15.29
CA ASP B 108 -10.18 -5.25 13.85
C ASP B 108 -11.34 -4.36 13.42
N HIS B 109 -11.15 -3.61 12.32
CA HIS B 109 -12.22 -2.73 11.79
C HIS B 109 -12.99 -2.03 12.94
N ASP B 110 -12.27 -1.51 13.93
CA ASP B 110 -12.90 -0.83 15.07
C ASP B 110 -13.15 0.65 14.74
N LYS B 111 -14.38 1.11 14.96
CA LYS B 111 -14.71 2.48 14.62
C LYS B 111 -13.96 3.54 15.43
N GLU B 112 -13.29 3.12 16.51
CA GLU B 112 -12.57 4.09 17.33
C GLU B 112 -11.05 3.89 17.31
N LEU B 113 -10.61 2.64 17.28
CA LEU B 113 -9.17 2.33 17.28
C LEU B 113 -8.50 2.51 15.91
N LEU B 114 -9.21 2.12 14.85
CA LEU B 114 -8.72 2.26 13.49
C LEU B 114 -7.27 1.82 13.40
N LEU B 115 -6.97 0.66 13.97
CA LEU B 115 -5.61 0.15 13.96
C LEU B 115 -5.04 -0.05 12.56
N GLU B 116 -5.83 -0.64 11.67
CA GLU B 116 -5.37 -0.89 10.31
C GLU B 116 -4.95 0.39 9.61
N ILE B 117 -5.67 1.48 9.86
CA ILE B 117 -5.36 2.76 9.24
C ILE B 117 -4.03 3.33 9.70
N VAL B 118 -3.77 3.36 11.01
CA VAL B 118 -2.48 3.88 11.45
C VAL B 118 -1.37 2.91 11.10
N ASP B 119 -1.68 1.61 11.01
CA ASP B 119 -0.67 0.62 10.64
C ASP B 119 -0.13 0.97 9.25
N ASN B 120 -1.01 1.43 8.37
CA ASN B 120 -0.62 1.84 7.03
C ASN B 120 0.34 3.03 7.06
N GLU B 121 0.05 4.02 7.92
CA GLU B 121 0.89 5.22 8.08
C GLU B 121 2.27 4.78 8.56
N MET B 122 2.25 3.82 9.47
CA MET B 122 3.44 3.23 10.06
C MET B 122 4.34 2.69 8.95
N SER B 123 3.78 1.98 7.98
CA SER B 123 4.58 1.41 6.88
C SER B 123 5.13 2.51 5.96
N LYS B 124 4.36 3.58 5.79
CA LYS B 124 4.79 4.68 4.96
C LYS B 124 5.90 5.42 5.70
N PHE B 125 5.80 5.37 7.02
CA PHE B 125 6.81 6.00 7.87
C PHE B 125 8.13 5.24 7.65
N ALA B 126 8.04 3.91 7.57
CA ALA B 126 9.22 3.08 7.36
C ALA B 126 9.89 3.40 6.03
N GLU B 127 9.09 3.32 4.96
CA GLU B 127 9.57 3.60 3.61
C GLU B 127 10.37 4.90 3.55
N LEU B 128 9.85 5.96 4.14
CA LEU B 128 10.52 7.25 4.16
C LEU B 128 11.82 7.22 4.96
N GLU B 129 11.79 6.57 6.12
CA GLU B 129 13.00 6.49 6.95
C GLU B 129 14.21 5.91 6.22
N PHE B 130 13.97 4.94 5.33
CA PHE B 130 15.07 4.29 4.59
C PHE B 130 15.19 4.71 3.13
N HIS B 131 14.38 5.65 2.68
CA HIS B 131 14.47 6.07 1.29
C HIS B 131 15.63 7.01 1.02
N GLN B 132 16.35 6.73 -0.07
CA GLN B 132 17.48 7.57 -0.46
C GLN B 132 18.34 8.08 0.68
N HIS B 133 19.07 7.17 1.32
CA HIS B 133 19.95 7.51 2.43
C HIS B 133 21.00 6.44 2.61
N LEU B 134 20.99 5.47 1.69
CA LEU B 134 21.91 4.33 1.74
C LEU B 134 21.41 3.42 2.85
N GLY B 135 20.32 3.85 3.48
CA GLY B 135 19.73 3.12 4.59
C GLY B 135 20.35 3.60 5.89
N VAL B 136 20.53 4.92 5.99
CA VAL B 136 21.13 5.57 7.16
C VAL B 136 21.06 4.76 8.45
N SER B 137 21.97 3.79 8.58
CA SER B 137 22.02 2.93 9.76
C SER B 137 20.68 2.22 9.97
N ASP B 138 20.65 0.92 9.72
CA ASP B 138 19.42 0.15 9.89
C ASP B 138 19.31 -0.40 11.32
N CYS B 139 18.09 -0.54 11.80
CA CYS B 139 17.86 -1.06 13.14
C CYS B 139 16.85 -2.22 13.10
N SER B 140 16.34 -2.61 14.27
CA SER B 140 15.37 -3.70 14.36
C SER B 140 13.96 -3.18 14.14
N PHE B 141 13.06 -4.07 13.73
CA PHE B 141 11.67 -3.69 13.51
C PHE B 141 11.14 -3.04 14.78
N PHE B 142 11.48 -3.60 15.93
CA PHE B 142 11.04 -3.03 17.21
C PHE B 142 11.48 -1.57 17.34
N GLN B 143 12.78 -1.31 17.14
CA GLN B 143 13.31 0.06 17.23
C GLN B 143 12.54 1.04 16.34
N LEU B 144 12.29 0.65 15.09
CA LEU B 144 11.55 1.50 14.15
C LEU B 144 10.17 1.83 14.71
N VAL B 145 9.44 0.81 15.16
CA VAL B 145 8.13 1.04 15.71
C VAL B 145 8.16 2.04 16.86
N MET B 146 9.15 1.94 17.74
CA MET B 146 9.25 2.89 18.86
C MET B 146 9.45 4.32 18.34
N LYS B 147 10.24 4.47 17.28
CA LYS B 147 10.48 5.81 16.73
C LYS B 147 9.17 6.43 16.23
N TYR B 148 8.41 5.65 15.49
CA TYR B 148 7.13 6.10 14.95
C TYR B 148 6.24 6.67 16.05
N LEU B 149 6.06 5.88 17.12
CA LEU B 149 5.22 6.29 18.25
C LEU B 149 5.69 7.58 18.89
N LEU B 150 7.00 7.66 19.11
CA LEU B 150 7.58 8.83 19.73
C LEU B 150 7.35 10.07 18.87
N GLN B 151 7.69 9.95 17.59
CA GLN B 151 7.54 11.06 16.68
C GLN B 151 6.11 11.49 16.39
N ARG B 152 5.19 10.52 16.37
CA ARG B 152 3.80 10.84 16.06
C ARG B 152 2.80 10.77 17.21
N ARG B 153 3.30 10.79 18.43
CA ARG B 153 2.47 10.72 19.64
C ARG B 153 1.37 11.77 19.71
N GLN B 154 1.61 12.96 19.18
CA GLN B 154 0.61 14.02 19.23
C GLN B 154 -0.63 13.64 18.44
N PHE B 155 -0.49 12.68 17.52
CA PHE B 155 -1.63 12.32 16.71
C PHE B 155 -2.19 10.92 16.92
N LEU B 156 -1.93 10.35 18.10
CA LEU B 156 -2.39 9.02 18.45
C LEU B 156 -3.08 9.01 19.82
N THR B 157 -4.20 8.30 19.92
CA THR B 157 -4.92 8.20 21.19
C THR B 157 -4.12 7.27 22.10
N ASN B 158 -4.63 7.00 23.29
CA ASN B 158 -3.94 6.10 24.22
C ASN B 158 -3.98 4.66 23.72
N ASP B 159 -5.17 4.17 23.38
CA ASP B 159 -5.33 2.81 22.88
C ASP B 159 -4.51 2.54 21.62
N GLN B 160 -4.42 3.52 20.73
CA GLN B 160 -3.66 3.32 19.52
C GLN B 160 -2.17 3.06 19.85
N ILE B 161 -1.61 3.88 20.74
CA ILE B 161 -0.22 3.72 21.15
C ILE B 161 -0.06 2.35 21.82
N ARG B 162 -1.11 1.89 22.48
CA ARG B 162 -1.07 0.60 23.15
C ARG B 162 -1.21 -0.63 22.24
N TYR B 163 -2.31 -0.69 21.49
CA TYR B 163 -2.57 -1.83 20.63
C TYR B 163 -1.89 -1.89 19.25
N LEU B 164 -1.66 -0.74 18.62
CA LEU B 164 -1.02 -0.77 17.30
C LEU B 164 0.30 -1.51 17.26
N PRO B 165 1.22 -1.22 18.20
CA PRO B 165 2.50 -1.93 18.19
C PRO B 165 2.42 -3.46 18.23
N GLN B 166 1.37 -3.99 18.84
CA GLN B 166 1.18 -5.44 18.92
C GLN B 166 0.53 -5.99 17.66
N LEU B 167 -0.31 -5.20 17.02
CA LEU B 167 -0.99 -5.64 15.80
C LEU B 167 -0.05 -5.73 14.61
N CYS B 168 0.81 -4.72 14.46
CA CYS B 168 1.75 -4.68 13.34
C CYS B 168 2.74 -5.86 13.37
N ARG B 169 2.85 -6.52 14.52
CA ARG B 169 3.77 -7.64 14.62
C ARG B 169 3.38 -8.90 13.84
N TYR B 170 2.22 -8.88 13.18
CA TYR B 170 1.80 -10.03 12.35
C TYR B 170 2.93 -10.33 11.36
N LEU B 171 3.68 -9.28 11.01
CA LEU B 171 4.79 -9.40 10.09
C LEU B 171 5.86 -10.37 10.61
N GLU B 172 5.80 -10.73 11.89
CA GLU B 172 6.78 -11.68 12.42
C GLU B 172 6.53 -13.03 11.75
N LEU B 173 5.26 -13.28 11.37
CA LEU B 173 4.89 -14.54 10.74
C LEU B 173 5.17 -14.63 9.24
N TRP B 174 5.71 -13.55 8.66
CA TRP B 174 6.05 -13.54 7.24
C TRP B 174 7.54 -13.86 7.14
N HIS B 175 8.29 -13.37 8.11
CA HIS B 175 9.73 -13.56 8.16
C HIS B 175 10.16 -14.74 8.99
N GLY B 176 9.45 -14.98 10.10
CA GLY B 176 9.77 -16.09 10.98
C GLY B 176 10.73 -15.65 12.06
N LEU B 177 10.69 -14.34 12.38
CA LEU B 177 11.55 -13.73 13.37
C LEU B 177 10.82 -12.70 14.25
N ASP B 178 11.19 -12.69 15.53
CA ASP B 178 10.65 -11.78 16.54
C ASP B 178 11.01 -10.34 16.18
N TRP B 179 10.17 -9.38 16.54
CA TRP B 179 10.47 -8.00 16.17
C TRP B 179 11.75 -7.41 16.76
N LYS B 180 12.37 -8.08 17.72
CA LYS B 180 13.62 -7.58 18.28
C LYS B 180 14.81 -8.29 17.65
N LEU B 181 14.55 -9.12 16.64
CA LEU B 181 15.60 -9.85 15.96
C LEU B 181 15.53 -9.64 14.46
N LEU B 182 14.49 -8.95 14.02
CA LEU B 182 14.27 -8.72 12.59
C LEU B 182 14.80 -7.41 12.10
N SER B 183 15.42 -7.43 10.91
CA SER B 183 15.94 -6.22 10.29
C SER B 183 14.79 -5.30 9.88
N ALA B 184 14.88 -4.02 10.26
CA ALA B 184 13.84 -3.07 9.92
C ALA B 184 13.82 -2.77 8.42
N LYS B 185 15.01 -2.63 7.84
CA LYS B 185 15.10 -2.32 6.42
C LYS B 185 14.52 -3.39 5.51
N ASP B 186 14.41 -4.62 5.97
CA ASP B 186 13.88 -5.68 5.10
C ASP B 186 12.52 -6.21 5.55
N THR B 187 11.90 -5.54 6.52
CA THR B 187 10.61 -5.96 7.05
C THR B 187 9.44 -5.90 6.05
N TYR B 188 9.20 -4.72 5.49
CA TYR B 188 8.11 -4.51 4.54
C TYR B 188 8.48 -4.93 3.13
N PHE B 189 7.74 -5.89 2.59
CA PHE B 189 8.01 -6.42 1.26
C PHE B 189 6.94 -6.00 0.26
N GLY B 190 7.13 -6.38 -1.00
CA GLY B 190 6.16 -6.04 -2.02
C GLY B 190 5.12 -7.13 -2.28
N HIS B 191 3.91 -6.91 -1.80
CA HIS B 191 2.81 -7.86 -1.97
C HIS B 191 2.32 -7.79 -3.44
N GLN B 192 2.95 -8.57 -4.32
CA GLN B 192 2.60 -8.56 -5.74
C GLN B 192 1.32 -9.30 -6.13
N GLY B 193 0.27 -9.15 -5.34
CA GLY B 193 -0.98 -9.82 -5.68
C GLY B 193 -1.53 -10.70 -4.58
N ARG B 194 -2.71 -11.26 -4.81
CA ARG B 194 -3.33 -12.13 -3.81
C ARG B 194 -2.58 -13.45 -3.64
N ASN B 195 -2.82 -14.13 -2.52
CA ASN B 195 -2.17 -15.40 -2.23
C ASN B 195 -3.11 -16.55 -2.60
N ALA B 196 -2.52 -17.69 -2.96
CA ALA B 196 -3.32 -18.85 -3.35
C ALA B 196 -2.92 -20.12 -2.61
N PHE B 197 -3.82 -20.60 -1.76
CA PHE B 197 -3.58 -21.80 -0.97
C PHE B 197 -3.52 -23.04 -1.89
N ALA B 198 -2.38 -23.73 -1.88
CA ALA B 198 -2.18 -24.90 -2.72
C ALA B 198 -2.85 -26.15 -2.18
N LEU B 199 -3.85 -26.65 -2.89
CA LEU B 199 -4.51 -27.86 -2.40
C LEU B 199 -3.66 -29.04 -2.81
N ASN B 200 -2.50 -29.13 -2.16
CA ASN B 200 -1.58 -30.21 -2.40
C ASN B 200 -0.31 -29.79 -3.09
N TYR B 201 0.68 -29.34 -2.31
CA TYR B 201 1.97 -28.97 -2.89
C TYR B 201 2.64 -30.29 -3.27
N ASP B 202 2.12 -31.38 -2.71
CA ASP B 202 2.64 -32.71 -2.98
C ASP B 202 2.33 -33.07 -4.43
N SER B 203 1.16 -32.64 -4.91
CA SER B 203 0.74 -32.88 -6.29
C SER B 203 1.74 -32.20 -7.21
N VAL B 204 2.19 -31.02 -6.79
CA VAL B 204 3.17 -30.26 -7.54
C VAL B 204 4.44 -31.09 -7.55
N VAL B 205 4.83 -31.59 -6.37
CA VAL B 205 6.03 -32.40 -6.24
C VAL B 205 6.01 -33.71 -7.03
N GLN B 206 4.88 -34.42 -7.03
CA GLN B 206 4.76 -35.69 -7.75
C GLN B 206 4.76 -35.51 -9.26
N ARG B 207 4.08 -34.47 -9.74
CA ARG B 207 4.02 -34.19 -11.17
C ARG B 207 5.43 -33.93 -11.71
N ILE B 208 6.16 -33.01 -11.08
CA ILE B 208 7.52 -32.69 -11.51
C ILE B 208 8.38 -33.93 -11.35
N ALA B 209 8.24 -34.59 -10.20
CA ALA B 209 9.01 -35.79 -9.92
C ALA B 209 8.89 -36.84 -11.03
N GLN B 210 7.66 -37.19 -11.41
CA GLN B 210 7.41 -38.18 -12.45
C GLN B 210 7.96 -37.76 -13.80
N SER B 211 7.99 -36.47 -14.07
CA SER B 211 8.45 -35.93 -15.35
C SER B 211 9.87 -36.28 -15.82
N PHE B 212 10.58 -37.13 -15.08
CA PHE B 212 11.93 -37.53 -15.52
C PHE B 212 12.18 -39.00 -15.17
N PRO B 213 13.08 -39.68 -15.91
CA PRO B 213 13.36 -41.09 -15.62
C PRO B 213 13.60 -41.45 -14.15
N GLN B 214 12.67 -42.23 -13.60
CA GLN B 214 12.71 -42.67 -12.21
C GLN B 214 14.03 -43.26 -11.73
N ASN B 215 14.73 -43.97 -12.60
CA ASN B 215 16.00 -44.60 -12.22
C ASN B 215 17.10 -43.55 -12.08
N TRP B 216 16.69 -42.30 -12.01
CA TRP B 216 17.59 -41.16 -11.86
C TRP B 216 17.72 -40.80 -10.37
N LEU B 217 16.66 -41.08 -9.61
CA LEU B 217 16.58 -40.76 -8.20
C LEU B 217 17.35 -41.70 -7.25
N LYS B 218 18.20 -41.13 -6.40
CA LYS B 218 18.95 -41.90 -5.43
C LYS B 218 18.69 -41.38 -4.02
N LEU B 219 17.73 -41.98 -3.33
CA LEU B 219 17.36 -41.59 -1.98
C LEU B 219 18.31 -42.18 -0.93
N SER B 220 18.60 -41.41 0.12
CA SER B 220 19.51 -41.81 1.18
C SER B 220 20.98 -41.76 0.78
N CYS B 221 21.35 -40.85 -0.11
CA CYS B 221 22.75 -40.70 -0.53
C CYS B 221 23.23 -39.38 0.03
N GLU B 222 23.50 -39.32 1.33
CA GLU B 222 24.00 -38.08 1.91
C GLU B 222 25.36 -37.84 1.25
N VAL B 223 25.56 -36.66 0.68
CA VAL B 223 26.83 -36.35 0.03
C VAL B 223 27.81 -35.79 1.07
N LYS B 224 28.97 -36.42 1.21
CA LYS B 224 29.95 -35.97 2.20
C LYS B 224 30.95 -34.92 1.71
N SER B 225 31.30 -34.96 0.43
CA SER B 225 32.25 -34.00 -0.11
C SER B 225 32.31 -33.92 -1.63
N ILE B 226 32.44 -32.70 -2.14
CA ILE B 226 32.54 -32.45 -3.58
C ILE B 226 33.93 -31.93 -3.92
N THR B 227 34.46 -32.38 -5.04
CA THR B 227 35.80 -31.98 -5.47
C THR B 227 35.94 -31.97 -6.98
N ARG B 228 36.23 -30.80 -7.53
CA ARG B 228 36.41 -30.68 -8.96
C ARG B 228 37.89 -30.71 -9.24
N GLU B 229 38.38 -31.87 -9.66
CA GLU B 229 39.79 -31.99 -9.97
C GLU B 229 40.11 -31.09 -11.14
N PRO B 230 41.26 -30.40 -11.13
CA PRO B 230 41.62 -29.52 -12.24
C PRO B 230 41.54 -30.24 -13.59
N SER B 231 41.35 -31.56 -13.53
CA SER B 231 41.24 -32.39 -14.72
C SER B 231 39.99 -32.02 -15.52
N LYS B 232 39.23 -31.06 -15.00
CA LYS B 232 38.03 -30.60 -15.69
C LYS B 232 36.70 -31.27 -15.40
N ASN B 233 36.65 -32.16 -14.41
CA ASN B 233 35.39 -32.85 -14.07
C ASN B 233 35.15 -32.85 -12.56
N VAL B 234 33.89 -33.08 -12.18
CA VAL B 234 33.50 -33.10 -10.77
C VAL B 234 33.41 -34.50 -10.21
N THR B 235 33.87 -34.68 -8.97
CA THR B 235 33.82 -35.97 -8.30
C THR B 235 33.05 -35.89 -6.97
N VAL B 236 31.86 -36.46 -6.96
CA VAL B 236 31.01 -36.45 -5.77
C VAL B 236 31.09 -37.79 -5.04
N ASN B 237 31.13 -37.74 -3.71
CA ASN B 237 31.20 -38.95 -2.89
C ASN B 237 30.05 -38.95 -1.89
N CYS B 238 29.16 -39.94 -1.96
CA CYS B 238 28.05 -40.00 -1.01
C CYS B 238 28.65 -40.40 0.35
N GLU B 239 27.81 -40.66 1.34
CA GLU B 239 28.33 -41.01 2.66
C GLU B 239 28.66 -42.49 2.83
N ASP B 240 28.05 -43.34 2.01
CA ASP B 240 28.30 -44.77 2.09
C ASP B 240 29.66 -45.15 1.49
N GLY B 241 29.98 -44.54 0.36
CA GLY B 241 31.24 -44.84 -0.30
C GLY B 241 31.15 -44.73 -1.81
N THR B 242 29.97 -45.03 -2.35
CA THR B 242 29.77 -44.96 -3.80
C THR B 242 30.23 -43.60 -4.30
N VAL B 243 31.10 -43.62 -5.30
CA VAL B 243 31.64 -42.40 -5.89
C VAL B 243 31.02 -42.16 -7.27
N TYR B 244 31.05 -40.91 -7.71
CA TYR B 244 30.51 -40.57 -9.02
C TYR B 244 31.35 -39.47 -9.65
N ASN B 245 31.23 -39.32 -10.96
CA ASN B 245 31.95 -38.29 -11.71
C ASN B 245 30.97 -37.73 -12.72
N ALA B 246 30.87 -36.41 -12.80
CA ALA B 246 29.94 -35.78 -13.73
C ALA B 246 30.51 -34.56 -14.42
N ASP B 247 29.85 -34.17 -15.51
CA ASP B 247 30.26 -33.01 -16.28
C ASP B 247 29.87 -31.73 -15.53
N TYR B 248 28.69 -31.76 -14.92
CA TYR B 248 28.16 -30.63 -14.16
C TYR B 248 27.50 -31.10 -12.86
N VAL B 249 27.42 -30.19 -11.89
CA VAL B 249 26.78 -30.51 -10.60
C VAL B 249 26.02 -29.28 -10.11
N ILE B 250 24.83 -29.51 -9.54
CA ILE B 250 24.02 -28.41 -9.04
C ILE B 250 23.63 -28.67 -7.58
N ILE B 251 24.33 -27.98 -6.67
CA ILE B 251 24.13 -28.06 -5.22
C ILE B 251 22.88 -27.28 -4.80
N THR B 252 21.81 -27.96 -4.40
CA THR B 252 20.60 -27.27 -4.00
C THR B 252 20.28 -27.40 -2.52
N VAL B 253 21.28 -27.72 -1.71
CA VAL B 253 21.05 -27.85 -0.27
C VAL B 253 20.69 -26.47 0.28
N PRO B 254 19.99 -26.41 1.42
CA PRO B 254 19.65 -25.10 1.97
C PRO B 254 20.85 -24.31 2.46
N GLN B 255 20.67 -23.01 2.56
CA GLN B 255 21.71 -22.09 3.01
C GLN B 255 22.33 -22.45 4.35
N SER B 256 21.51 -22.65 5.37
CA SER B 256 21.98 -22.99 6.71
C SER B 256 22.90 -24.22 6.75
N VAL B 257 22.64 -25.17 5.86
CA VAL B 257 23.44 -26.39 5.77
C VAL B 257 24.75 -26.07 5.07
N LEU B 258 24.67 -25.32 3.97
CA LEU B 258 25.84 -24.93 3.20
C LEU B 258 26.73 -24.02 4.05
N ASN B 259 26.13 -23.36 5.04
CA ASN B 259 26.88 -22.48 5.91
C ASN B 259 27.82 -23.27 6.82
N LEU B 260 27.62 -24.58 6.86
CA LEU B 260 28.46 -25.43 7.68
C LEU B 260 29.79 -25.69 6.98
N SER B 261 29.79 -25.55 5.67
CA SER B 261 31.00 -25.78 4.88
C SER B 261 32.15 -24.87 5.30
N VAL B 262 31.83 -23.68 5.79
CA VAL B 262 32.86 -22.74 6.19
C VAL B 262 33.44 -23.03 7.59
N GLN B 263 32.70 -23.77 8.40
CA GLN B 263 33.18 -24.10 9.74
C GLN B 263 34.10 -25.31 9.71
N PRO B 264 35.09 -25.33 10.61
CA PRO B 264 36.01 -26.45 10.66
C PRO B 264 35.43 -27.62 11.43
N GLU B 265 36.25 -28.65 11.65
CA GLU B 265 35.74 -29.82 12.38
C GLU B 265 34.47 -30.31 11.75
N LYS B 266 34.38 -30.12 10.44
CA LYS B 266 33.22 -30.56 9.70
C LYS B 266 32.94 -32.02 9.93
N ASN B 267 31.90 -32.28 10.72
CA ASN B 267 31.46 -33.63 11.04
C ASN B 267 29.94 -33.58 11.10
N LEU B 268 29.42 -32.37 11.25
CA LEU B 268 27.99 -32.11 11.34
C LEU B 268 27.19 -32.73 10.21
N ARG B 269 26.10 -33.40 10.57
CA ARG B 269 25.25 -34.06 9.59
C ARG B 269 24.86 -33.10 8.47
N GLY B 270 24.97 -33.58 7.23
CA GLY B 270 24.62 -32.75 6.09
C GLY B 270 25.75 -31.96 5.47
N ARG B 271 26.73 -31.56 6.29
CA ARG B 271 27.86 -30.77 5.82
C ARG B 271 28.64 -31.39 4.65
N ILE B 272 28.94 -30.56 3.65
CA ILE B 272 29.67 -30.99 2.48
C ILE B 272 31.06 -30.40 2.49
N GLU B 273 32.05 -31.21 2.13
CA GLU B 273 33.45 -30.78 2.09
C GLU B 273 33.85 -30.45 0.65
N PHE B 274 34.06 -29.16 0.38
CA PHE B 274 34.44 -28.72 -0.95
C PHE B 274 35.95 -28.64 -1.07
N GLN B 275 36.47 -28.86 -2.28
CA GLN B 275 37.90 -28.78 -2.47
C GLN B 275 38.24 -28.41 -3.91
N PRO B 276 38.86 -27.23 -4.11
CA PRO B 276 39.24 -26.29 -3.05
C PRO B 276 38.01 -25.71 -2.36
N PRO B 277 38.21 -25.02 -1.22
CA PRO B 277 37.07 -24.45 -0.52
C PRO B 277 36.27 -23.45 -1.37
N LEU B 278 35.22 -22.88 -0.78
CA LEU B 278 34.39 -21.92 -1.48
C LEU B 278 35.07 -20.57 -1.47
N LYS B 279 35.18 -19.95 -2.66
CA LYS B 279 35.82 -18.64 -2.78
C LYS B 279 35.23 -17.62 -1.82
N PRO B 280 36.09 -16.81 -1.18
CA PRO B 280 35.73 -15.76 -0.21
C PRO B 280 34.43 -14.99 -0.46
N VAL B 281 34.14 -14.66 -1.71
CA VAL B 281 32.93 -13.93 -2.04
C VAL B 281 31.72 -14.70 -1.49
N ILE B 282 31.85 -16.03 -1.39
CA ILE B 282 30.79 -16.89 -0.88
C ILE B 282 30.81 -16.95 0.63
N GLN B 283 31.97 -17.25 1.20
CA GLN B 283 32.14 -17.33 2.65
C GLN B 283 31.69 -16.04 3.32
N ASP B 284 31.98 -14.91 2.68
CA ASP B 284 31.61 -13.60 3.23
C ASP B 284 30.12 -13.39 3.26
N ALA B 285 29.44 -13.83 2.22
CA ALA B 285 28.00 -13.69 2.15
C ALA B 285 27.29 -14.07 3.44
N PHE B 286 27.76 -15.13 4.09
CA PHE B 286 27.16 -15.61 5.33
C PHE B 286 27.28 -14.65 6.53
N ASP B 287 28.21 -13.70 6.49
CA ASP B 287 28.34 -12.76 7.61
C ASP B 287 27.20 -11.75 7.54
N LYS B 288 26.58 -11.67 6.37
CA LYS B 288 25.44 -10.77 6.16
C LYS B 288 24.20 -11.57 6.54
N ILE B 289 24.33 -12.30 7.66
CA ILE B 289 23.27 -13.14 8.22
C ILE B 289 22.38 -13.95 7.30
N HIS B 290 21.29 -14.46 7.89
CA HIS B 290 20.33 -15.25 7.16
C HIS B 290 19.66 -16.30 8.04
N PHE B 291 18.70 -17.01 7.46
CA PHE B 291 17.93 -18.10 8.12
C PHE B 291 17.00 -17.73 9.27
N GLY B 292 15.69 -17.91 9.04
CA GLY B 292 14.68 -17.64 10.06
C GLY B 292 14.04 -18.94 10.54
N ALA B 293 13.00 -18.87 11.37
CA ALA B 293 12.41 -20.12 11.85
C ALA B 293 10.90 -20.21 11.95
N LEU B 294 10.22 -19.94 10.85
CA LEU B 294 8.76 -20.06 10.83
C LEU B 294 8.41 -21.51 11.16
N GLY B 295 7.47 -21.72 12.07
CA GLY B 295 7.07 -23.07 12.43
C GLY B 295 5.57 -23.29 12.27
N LYS B 296 5.13 -24.53 12.41
CA LYS B 296 3.71 -24.84 12.25
C LYS B 296 3.14 -25.85 13.24
N VAL B 297 1.89 -25.61 13.64
CA VAL B 297 1.15 -26.46 14.57
C VAL B 297 -0.28 -26.63 14.08
N ILE B 298 -0.69 -27.87 13.83
CA ILE B 298 -2.05 -28.14 13.33
C ILE B 298 -2.99 -28.63 14.42
N PHE B 299 -4.19 -28.04 14.49
CA PHE B 299 -5.19 -28.46 15.48
C PHE B 299 -6.39 -29.08 14.75
N GLU B 300 -6.53 -30.41 14.83
CA GLU B 300 -7.62 -31.13 14.17
C GLU B 300 -8.84 -31.36 15.06
N PHE B 301 -10.02 -30.92 14.61
CA PHE B 301 -11.24 -31.10 15.38
C PHE B 301 -12.22 -32.07 14.71
N GLU B 302 -13.19 -32.56 15.49
CA GLU B 302 -14.18 -33.50 14.98
C GLU B 302 -14.98 -32.90 13.84
N GLU B 303 -15.47 -31.68 14.04
CA GLU B 303 -16.24 -30.96 13.03
C GLU B 303 -16.45 -29.51 13.42
N CYS B 304 -16.31 -28.62 12.45
CA CYS B 304 -16.47 -27.19 12.69
C CYS B 304 -17.77 -26.89 13.39
N CYS B 305 -17.68 -26.06 14.42
CA CYS B 305 -18.86 -25.65 15.16
C CYS B 305 -18.58 -24.22 15.64
N TRP B 306 -18.04 -23.41 14.73
CA TRP B 306 -17.70 -22.02 15.01
C TRP B 306 -17.89 -21.17 13.77
N SER B 307 -18.02 -19.86 13.97
CA SER B 307 -18.22 -18.92 12.86
C SER B 307 -17.17 -18.97 11.74
N ASN B 308 -17.64 -19.03 10.49
CA ASN B 308 -16.75 -19.04 9.33
C ASN B 308 -16.62 -17.63 8.74
N GLU B 309 -16.67 -16.62 9.59
CA GLU B 309 -16.56 -15.24 9.16
C GLU B 309 -15.32 -14.98 8.30
N SER B 310 -14.16 -15.44 8.77
CA SER B 310 -12.89 -15.25 8.05
C SER B 310 -11.94 -16.44 8.20
N SER B 311 -11.04 -16.61 7.25
CA SER B 311 -10.09 -17.71 7.31
C SER B 311 -8.77 -17.29 7.97
N LYS B 312 -8.59 -15.98 8.17
CA LYS B 312 -7.36 -15.49 8.78
C LYS B 312 -7.59 -14.85 10.16
N ILE B 313 -6.92 -15.38 11.18
CA ILE B 313 -7.03 -14.88 12.54
C ILE B 313 -5.66 -14.69 13.18
N VAL B 314 -5.50 -13.59 13.90
CA VAL B 314 -4.23 -13.31 14.58
C VAL B 314 -4.47 -12.93 16.04
N THR B 315 -3.75 -13.57 16.96
CA THR B 315 -3.91 -13.22 18.38
C THR B 315 -2.76 -12.30 18.73
N LEU B 316 -3.08 -11.17 19.37
CA LEU B 316 -2.08 -10.17 19.76
C LEU B 316 -1.49 -10.46 21.11
N ALA B 317 -0.21 -10.18 21.28
CA ALA B 317 0.46 -10.38 22.56
C ALA B 317 -0.11 -9.38 23.57
N ASN B 318 0.01 -9.68 24.87
CA ASN B 318 -0.51 -8.75 25.87
C ASN B 318 0.17 -7.39 25.80
N SER B 319 -0.55 -6.36 26.22
CA SER B 319 -0.04 -4.98 26.22
C SER B 319 -0.49 -4.29 27.51
N THR B 320 0.12 -3.16 27.85
CA THR B 320 -0.22 -2.47 29.10
C THR B 320 -0.51 -0.98 28.95
N ASN B 321 -1.17 -0.40 29.94
CA ASN B 321 -1.47 1.02 29.92
C ASN B 321 -0.29 1.84 30.41
N GLU B 322 0.54 1.24 31.25
CA GLU B 322 1.71 1.94 31.73
C GLU B 322 2.59 2.28 30.52
N PHE B 323 2.49 1.45 29.49
CA PHE B 323 3.26 1.62 28.25
C PHE B 323 2.87 2.95 27.59
N VAL B 324 1.57 3.21 27.50
CA VAL B 324 1.08 4.44 26.89
C VAL B 324 1.71 5.59 27.65
N GLU B 325 1.52 5.57 28.96
CA GLU B 325 2.06 6.59 29.86
C GLU B 325 3.56 6.79 29.63
N ILE B 326 4.31 5.69 29.56
CA ILE B 326 5.75 5.80 29.34
C ILE B 326 6.07 6.52 28.03
N VAL B 327 5.27 6.28 27.00
CA VAL B 327 5.51 6.93 25.71
C VAL B 327 5.14 8.40 25.80
N ARG B 328 4.11 8.69 26.59
CA ARG B 328 3.64 10.07 26.76
C ARG B 328 4.63 10.95 27.50
N ASN B 329 5.47 10.33 28.31
CA ASN B 329 6.41 11.09 29.11
C ASN B 329 7.85 11.11 28.62
N ALA B 330 8.27 10.12 27.84
CA ALA B 330 9.65 10.11 27.38
C ALA B 330 9.99 11.42 26.67
N GLU B 331 11.22 11.89 26.88
CA GLU B 331 11.66 13.14 26.25
C GLU B 331 12.49 12.87 25.01
N ASN B 332 12.79 11.62 24.75
CA ASN B 332 13.56 11.27 23.56
C ASN B 332 13.76 9.77 23.45
N LEU B 333 14.42 9.36 22.37
CA LEU B 333 14.68 7.95 22.15
C LEU B 333 15.41 7.33 23.34
N ASP B 334 16.55 7.92 23.73
CA ASP B 334 17.34 7.40 24.86
C ASP B 334 16.51 7.19 26.11
N GLU B 335 15.82 8.24 26.54
CA GLU B 335 15.00 8.14 27.72
C GLU B 335 13.99 6.99 27.56
N LEU B 336 13.30 6.96 26.41
CA LEU B 336 12.32 5.92 26.12
C LEU B 336 12.94 4.54 26.24
N ASP B 337 14.13 4.37 25.67
CA ASP B 337 14.81 3.09 25.71
C ASP B 337 15.00 2.56 27.13
N SER B 338 15.81 3.27 27.91
CA SER B 338 16.11 2.90 29.29
C SER B 338 14.82 2.77 30.10
N MET B 339 13.89 3.69 29.88
CA MET B 339 12.62 3.68 30.59
C MET B 339 11.88 2.38 30.29
N LEU B 340 12.09 1.83 29.10
CA LEU B 340 11.48 0.57 28.72
C LEU B 340 12.38 -0.53 29.28
N GLU B 341 12.45 -0.58 30.61
CA GLU B 341 13.25 -1.58 31.29
C GLU B 341 12.49 -2.07 32.50
N ARG B 342 11.72 -3.13 32.31
CA ARG B 342 10.92 -3.71 33.38
C ARG B 342 11.25 -5.19 33.59
N GLU B 343 11.49 -5.56 34.84
CA GLU B 343 11.79 -6.94 35.18
C GLU B 343 10.59 -7.57 35.85
N THR B 349 8.54 -12.84 33.67
CA THR B 349 9.29 -13.86 32.97
C THR B 349 8.39 -15.06 32.62
N SER B 350 8.95 -16.00 31.87
CA SER B 350 8.23 -17.20 31.44
C SER B 350 7.35 -16.91 30.24
N VAL B 351 7.49 -17.71 29.19
CA VAL B 351 6.73 -17.53 27.98
C VAL B 351 5.41 -18.29 27.95
N THR B 352 4.37 -17.65 27.42
CA THR B 352 3.05 -18.27 27.31
C THR B 352 2.51 -17.97 25.92
N CYS B 353 1.34 -18.49 25.60
CA CYS B 353 0.75 -18.24 24.28
C CYS B 353 0.44 -16.76 24.04
N TRP B 354 0.44 -15.94 25.08
CA TRP B 354 0.19 -14.51 24.91
C TRP B 354 1.49 -13.68 24.99
N SER B 355 2.64 -14.34 24.88
CA SER B 355 3.93 -13.65 24.92
C SER B 355 4.36 -13.17 23.53
N GLN B 356 3.66 -13.65 22.51
CA GLN B 356 3.97 -13.29 21.14
C GLN B 356 2.78 -13.43 20.22
N PRO B 357 2.81 -12.73 19.09
CA PRO B 357 1.67 -12.84 18.17
C PRO B 357 1.61 -14.24 17.54
N LEU B 358 0.39 -14.69 17.24
CA LEU B 358 0.17 -16.01 16.64
C LEU B 358 -0.84 -15.93 15.48
N PHE B 359 -0.51 -16.58 14.37
CA PHE B 359 -1.36 -16.57 13.18
C PHE B 359 -2.07 -17.90 12.92
N PHE B 360 -3.40 -17.89 13.02
CA PHE B 360 -4.19 -19.11 12.75
C PHE B 360 -4.92 -19.03 11.41
N VAL B 361 -4.93 -20.13 10.66
CA VAL B 361 -5.67 -20.18 9.39
C VAL B 361 -6.88 -21.09 9.60
N ASN B 362 -8.08 -20.54 9.60
CA ASN B 362 -9.26 -21.39 9.77
C ASN B 362 -9.55 -22.16 8.48
N LEU B 363 -9.00 -23.37 8.36
CA LEU B 363 -9.18 -24.22 7.18
C LEU B 363 -10.62 -24.62 6.87
N SER B 364 -11.54 -24.29 7.77
CA SER B 364 -12.95 -24.65 7.58
C SER B 364 -13.59 -23.87 6.44
N LYS B 365 -13.51 -22.56 6.51
CA LYS B 365 -14.09 -21.68 5.50
C LYS B 365 -13.38 -21.77 4.16
N SER B 366 -12.09 -22.11 4.17
CA SER B 366 -11.34 -22.19 2.93
C SER B 366 -11.26 -23.57 2.26
N THR B 367 -11.32 -24.65 3.04
CA THR B 367 -11.23 -26.00 2.48
C THR B 367 -12.29 -26.95 3.02
N GLY B 368 -13.03 -26.52 4.03
CA GLY B 368 -14.07 -27.37 4.59
C GLY B 368 -13.64 -28.21 5.78
N VAL B 369 -12.34 -28.52 5.85
CA VAL B 369 -11.79 -29.33 6.93
C VAL B 369 -11.77 -28.61 8.27
N ALA B 370 -12.23 -29.29 9.32
CA ALA B 370 -12.31 -28.73 10.66
C ALA B 370 -10.94 -28.73 11.35
N SER B 371 -10.05 -27.88 10.88
CA SER B 371 -8.72 -27.79 11.46
C SER B 371 -8.15 -26.39 11.32
N PHE B 372 -7.30 -26.01 12.27
CA PHE B 372 -6.63 -24.70 12.27
C PHE B 372 -5.14 -24.89 11.97
N MET B 373 -4.62 -24.16 10.99
CA MET B 373 -3.20 -24.25 10.69
C MET B 373 -2.58 -22.99 11.27
N MET B 374 -1.73 -23.15 12.28
CA MET B 374 -1.10 -22.02 12.96
C MET B 374 0.36 -21.79 12.59
N LEU B 375 0.77 -20.53 12.61
CA LEU B 375 2.16 -20.17 12.32
C LEU B 375 2.82 -19.53 13.55
N MET B 376 4.07 -19.88 13.83
CA MET B 376 4.80 -19.32 14.97
C MET B 376 6.18 -18.86 14.51
N GLN B 377 6.89 -18.16 15.38
CA GLN B 377 8.22 -17.65 15.02
C GLN B 377 9.29 -17.86 16.09
N ALA B 378 10.53 -17.54 15.73
CA ALA B 378 11.65 -17.66 16.65
C ALA B 378 11.49 -16.55 17.67
N PRO B 379 11.79 -16.82 18.95
CA PRO B 379 12.28 -18.07 19.53
C PRO B 379 11.25 -19.15 19.92
N LEU B 380 9.97 -18.83 19.82
CA LEU B 380 8.92 -19.79 20.20
C LEU B 380 8.96 -21.11 19.41
N THR B 381 9.11 -21.00 18.11
CA THR B 381 9.15 -22.16 17.22
C THR B 381 10.09 -23.25 17.71
N ASN B 382 11.34 -22.86 17.93
CA ASN B 382 12.39 -23.75 18.40
C ASN B 382 11.95 -24.47 19.68
N HIS B 383 11.30 -23.74 20.58
CA HIS B 383 10.83 -24.32 21.83
C HIS B 383 9.68 -25.30 21.63
N ILE B 384 8.64 -24.87 20.93
CA ILE B 384 7.48 -25.72 20.67
C ILE B 384 7.82 -27.01 19.90
N GLU B 385 8.76 -26.92 18.97
CA GLU B 385 9.13 -28.11 18.21
C GLU B 385 9.90 -29.13 19.08
N SER B 386 10.55 -28.63 20.12
CA SER B 386 11.32 -29.51 21.02
C SER B 386 10.39 -30.39 21.81
N ILE B 387 9.15 -29.95 22.01
CA ILE B 387 8.20 -30.74 22.76
C ILE B 387 7.08 -31.26 21.88
N ARG B 388 7.39 -31.53 20.61
CA ARG B 388 6.38 -32.00 19.67
C ARG B 388 5.74 -33.34 20.00
N GLU B 389 6.45 -34.20 20.72
CA GLU B 389 5.93 -35.53 21.08
C GLU B 389 5.03 -35.47 22.31
N ASP B 390 5.06 -34.35 23.02
CA ASP B 390 4.27 -34.19 24.24
C ASP B 390 2.96 -33.47 23.96
N LYS B 391 1.96 -34.20 23.49
CA LYS B 391 0.66 -33.60 23.16
C LYS B 391 -0.02 -32.90 24.33
N GLU B 392 0.10 -33.48 25.52
CA GLU B 392 -0.50 -32.89 26.71
C GLU B 392 0.01 -31.48 26.96
N ARG B 393 1.32 -31.36 27.06
CA ARG B 393 1.94 -30.07 27.31
C ARG B 393 1.62 -29.09 26.18
N LEU B 394 1.48 -29.62 24.97
CA LEU B 394 1.14 -28.78 23.83
C LEU B 394 -0.27 -28.21 24.02
N PHE B 395 -1.18 -29.04 24.52
CA PHE B 395 -2.55 -28.59 24.73
C PHE B 395 -2.61 -27.50 25.78
N SER B 396 -1.95 -27.74 26.91
CA SER B 396 -1.95 -26.77 27.99
C SER B 396 -1.42 -25.43 27.53
N PHE B 397 -0.39 -25.46 26.70
CA PHE B 397 0.22 -24.24 26.22
C PHE B 397 -0.71 -23.41 25.35
N PHE B 398 -1.31 -24.03 24.34
CA PHE B 398 -2.19 -23.31 23.43
C PHE B 398 -3.66 -23.20 23.83
N GLN B 399 -4.07 -23.93 24.85
CA GLN B 399 -5.47 -23.88 25.27
C GLN B 399 -6.02 -22.46 25.46
N PRO B 400 -5.39 -21.65 26.34
CA PRO B 400 -5.90 -20.28 26.54
C PRO B 400 -6.20 -19.47 25.27
N VAL B 401 -5.34 -19.52 24.26
CA VAL B 401 -5.64 -18.77 23.05
C VAL B 401 -6.64 -19.53 22.18
N LEU B 402 -6.67 -20.85 22.32
CA LEU B 402 -7.58 -21.68 21.57
C LEU B 402 -9.02 -21.44 22.06
N ASN B 403 -9.17 -21.06 23.33
CA ASN B 403 -10.50 -20.80 23.89
C ASN B 403 -10.98 -19.41 23.51
N LYS B 404 -10.06 -18.46 23.52
CA LYS B 404 -10.37 -17.07 23.19
C LYS B 404 -10.88 -16.96 21.76
N ILE B 405 -10.26 -17.71 20.85
CA ILE B 405 -10.68 -17.69 19.45
C ILE B 405 -12.11 -18.20 19.32
N MET B 406 -12.37 -19.35 19.95
CA MET B 406 -13.70 -19.95 19.91
C MET B 406 -14.76 -18.98 20.45
N LYS B 407 -14.42 -18.24 21.49
CA LYS B 407 -15.37 -17.29 22.05
C LYS B 407 -15.67 -16.19 21.04
N CYS B 408 -14.64 -15.54 20.53
CA CYS B 408 -14.84 -14.48 19.56
C CYS B 408 -15.43 -14.97 18.25
N LEU B 409 -15.64 -16.28 18.15
CA LEU B 409 -16.23 -16.84 16.94
C LEU B 409 -17.57 -17.51 17.23
N ASP B 410 -18.21 -17.10 18.32
CA ASP B 410 -19.51 -17.62 18.74
C ASP B 410 -19.48 -19.13 18.98
N SER B 411 -18.80 -19.53 20.05
CA SER B 411 -18.66 -20.92 20.42
C SER B 411 -18.19 -20.96 21.87
N GLU B 412 -17.78 -22.13 22.34
CA GLU B 412 -17.31 -22.25 23.73
C GLU B 412 -15.93 -22.87 23.85
N ASP B 413 -15.46 -23.02 25.08
CA ASP B 413 -14.13 -23.59 25.33
C ASP B 413 -13.90 -24.94 24.65
N VAL B 414 -12.64 -25.22 24.33
CA VAL B 414 -12.26 -26.46 23.66
C VAL B 414 -12.14 -27.69 24.57
N ILE B 415 -12.64 -28.82 24.08
CA ILE B 415 -12.59 -30.08 24.82
C ILE B 415 -11.43 -30.97 24.36
N ASP B 416 -10.65 -31.46 25.32
CA ASP B 416 -9.49 -32.32 25.03
C ASP B 416 -9.84 -33.77 24.76
N GLY B 417 -9.99 -34.13 23.49
CA GLY B 417 -10.32 -35.48 23.13
C GLY B 417 -9.19 -36.14 22.36
N MET B 418 -7.95 -35.78 22.70
CA MET B 418 -6.78 -36.34 22.04
C MET B 418 -6.63 -37.79 22.50
N ARG B 419 -7.28 -38.10 23.62
CA ARG B 419 -7.32 -39.44 24.17
C ARG B 419 -8.83 -39.70 24.25
N PRO B 420 -9.49 -39.74 23.08
CA PRO B 420 -10.93 -39.95 22.92
C PRO B 420 -11.72 -40.79 23.94
N ILE B 421 -12.97 -40.35 24.12
CA ILE B 421 -13.94 -40.95 25.02
C ILE B 421 -15.30 -40.40 24.58
N GLU B 422 -16.03 -41.16 23.77
CA GLU B 422 -17.34 -40.71 23.30
C GLU B 422 -18.22 -40.17 24.43
N ASN B 423 -18.91 -39.07 24.14
CA ASN B 423 -19.81 -38.45 25.10
C ASN B 423 -20.71 -37.51 24.30
N ILE B 424 -22.01 -37.77 24.35
CA ILE B 424 -22.95 -36.95 23.61
C ILE B 424 -22.93 -35.47 23.97
N ALA B 425 -22.72 -35.17 25.26
CA ALA B 425 -22.69 -33.79 25.75
C ALA B 425 -21.94 -32.87 24.80
N ASN B 426 -20.89 -33.39 24.18
CA ASN B 426 -20.09 -32.61 23.24
C ASN B 426 -20.87 -32.46 21.94
N ALA B 427 -22.08 -31.91 22.04
CA ALA B 427 -22.91 -31.71 20.87
C ALA B 427 -22.35 -30.65 19.95
N ASN B 428 -22.48 -29.39 20.36
CA ASN B 428 -21.97 -28.27 19.57
C ASN B 428 -20.73 -27.68 20.22
N LYS B 429 -19.97 -28.53 20.91
CA LYS B 429 -18.75 -28.12 21.59
C LYS B 429 -17.56 -28.53 20.70
N PRO B 430 -16.55 -27.66 20.59
CA PRO B 430 -15.39 -28.01 19.77
C PRO B 430 -14.54 -29.08 20.46
N VAL B 431 -14.23 -30.15 19.74
CA VAL B 431 -13.45 -31.28 20.28
C VAL B 431 -12.13 -31.52 19.55
N LEU B 432 -11.02 -31.24 20.23
CA LEU B 432 -9.70 -31.45 19.61
C LEU B 432 -9.47 -32.96 19.58
N ARG B 433 -8.86 -33.47 18.51
CA ARG B 433 -8.61 -34.90 18.38
C ARG B 433 -7.14 -35.24 18.17
N ASN B 434 -6.43 -34.35 17.51
CA ASN B 434 -5.02 -34.57 17.22
C ASN B 434 -4.29 -33.24 17.15
N ILE B 435 -2.97 -33.27 17.37
CA ILE B 435 -2.15 -32.08 17.26
C ILE B 435 -0.89 -32.50 16.50
N ILE B 436 -0.50 -31.72 15.49
CA ILE B 436 0.67 -32.01 14.67
C ILE B 436 1.65 -30.85 14.71
N VAL B 437 2.95 -31.14 14.73
CA VAL B 437 3.95 -30.07 14.80
C VAL B 437 5.11 -30.24 13.83
N SER B 438 5.56 -29.13 13.25
CA SER B 438 6.71 -29.14 12.34
C SER B 438 7.98 -29.49 13.15
N ASN B 439 9.10 -29.63 12.45
CA ASN B 439 10.35 -30.00 13.12
C ASN B 439 11.57 -29.45 12.36
N TRP B 440 11.31 -28.49 11.46
CA TRP B 440 12.35 -27.90 10.63
C TRP B 440 13.61 -27.37 11.35
N THR B 441 13.46 -26.96 12.61
CA THR B 441 14.59 -26.45 13.35
C THR B 441 15.50 -27.56 13.88
N ARG B 442 14.95 -28.76 14.06
CA ARG B 442 15.72 -29.89 14.59
C ARG B 442 16.14 -30.94 13.56
N ASP B 443 15.75 -30.71 12.30
CA ASP B 443 16.06 -31.60 11.19
C ASP B 443 17.38 -31.11 10.57
N PRO B 444 18.47 -31.88 10.75
CA PRO B 444 19.78 -31.49 10.21
C PRO B 444 19.78 -31.20 8.71
N TYR B 445 18.75 -31.68 8.01
CA TYR B 445 18.68 -31.47 6.56
C TYR B 445 17.99 -30.17 6.15
N SER B 446 17.58 -29.37 7.14
CA SER B 446 16.94 -28.10 6.86
C SER B 446 17.38 -27.04 7.88
N ARG B 447 17.50 -27.42 9.14
CA ARG B 447 17.94 -26.49 10.20
C ARG B 447 17.32 -25.09 10.15
N GLY B 448 15.99 -25.04 10.15
CA GLY B 448 15.30 -23.77 10.10
C GLY B 448 14.24 -23.76 9.01
N ALA B 449 13.75 -22.57 8.67
CA ALA B 449 12.74 -22.46 7.62
C ALA B 449 13.27 -22.01 6.26
N TYR B 450 13.77 -20.77 6.20
CA TYR B 450 14.29 -20.21 4.96
C TYR B 450 14.99 -18.91 5.26
N SER B 451 15.73 -18.39 4.27
CA SER B 451 16.45 -17.13 4.40
C SER B 451 15.68 -16.05 5.16
N ALA B 452 16.43 -15.23 5.89
CA ALA B 452 15.86 -14.13 6.66
C ALA B 452 16.97 -13.15 7.10
N CYS B 453 16.63 -11.87 7.27
CA CYS B 453 17.58 -10.84 7.65
C CYS B 453 17.56 -10.36 9.08
N PHE B 454 18.75 -10.21 9.66
CA PHE B 454 18.87 -9.65 11.00
C PHE B 454 19.27 -8.23 10.68
N PRO B 455 19.16 -7.30 11.64
CA PRO B 455 19.55 -5.92 11.33
C PRO B 455 21.02 -5.88 10.91
N GLY B 456 21.32 -5.14 9.85
CA GLY B 456 22.68 -5.04 9.39
C GLY B 456 23.04 -6.01 8.28
N ASP B 457 22.04 -6.75 7.81
CA ASP B 457 22.26 -7.72 6.74
C ASP B 457 22.04 -7.13 5.36
N ASP B 458 22.45 -7.87 4.35
CA ASP B 458 22.26 -7.46 2.97
C ASP B 458 22.16 -8.73 2.13
N PRO B 459 20.93 -9.16 1.82
CA PRO B 459 20.63 -10.37 1.02
C PRO B 459 21.21 -10.42 -0.39
N VAL B 460 21.32 -9.26 -1.03
CA VAL B 460 21.85 -9.19 -2.40
C VAL B 460 23.16 -9.97 -2.53
N ASP B 461 24.03 -9.87 -1.53
CA ASP B 461 25.32 -10.56 -1.55
C ASP B 461 25.22 -12.05 -1.86
N MET B 462 24.45 -12.77 -1.06
CA MET B 462 24.29 -14.19 -1.25
C MET B 462 23.66 -14.48 -2.61
N VAL B 463 22.60 -13.74 -2.95
CA VAL B 463 21.92 -13.96 -4.23
C VAL B 463 22.91 -13.93 -5.39
N VAL B 464 23.71 -12.88 -5.45
CA VAL B 464 24.70 -12.72 -6.51
C VAL B 464 25.73 -13.85 -6.47
N ALA B 465 26.49 -13.93 -5.37
CA ALA B 465 27.50 -14.98 -5.18
C ALA B 465 26.97 -16.37 -5.57
N MET B 466 25.83 -16.76 -5.04
CA MET B 466 25.24 -18.07 -5.36
C MET B 466 25.02 -18.22 -6.86
N SER B 467 24.33 -17.24 -7.45
CA SER B 467 24.00 -17.25 -8.87
C SER B 467 25.20 -17.17 -9.80
N ASN B 468 26.37 -16.84 -9.25
CA ASN B 468 27.57 -16.77 -10.08
C ASN B 468 28.17 -18.17 -10.10
N GLY B 469 27.98 -18.88 -8.99
CA GLY B 469 28.49 -20.24 -8.86
C GLY B 469 29.92 -20.28 -8.33
N GLN B 470 30.37 -21.47 -7.95
CA GLN B 470 31.73 -21.66 -7.46
C GLN B 470 32.64 -21.51 -8.67
N ASP B 471 32.15 -22.00 -9.82
CA ASP B 471 32.87 -21.91 -11.09
C ASP B 471 31.98 -22.31 -12.26
N SER B 472 32.57 -22.92 -13.28
CA SER B 472 31.80 -23.31 -14.46
C SER B 472 30.86 -24.49 -14.36
N ARG B 473 31.31 -25.57 -13.73
CA ARG B 473 30.50 -26.77 -13.61
C ARG B 473 29.83 -26.94 -12.25
N ILE B 474 30.08 -26.01 -11.32
CA ILE B 474 29.48 -26.06 -9.98
C ILE B 474 28.53 -24.88 -9.79
N ARG B 475 27.24 -25.16 -9.82
CA ARG B 475 26.22 -24.11 -9.68
C ARG B 475 25.36 -24.33 -8.43
N PHE B 476 24.59 -23.32 -8.05
CA PHE B 476 23.72 -23.41 -6.89
C PHE B 476 22.28 -23.10 -7.25
N ALA B 477 21.35 -23.64 -6.46
CA ALA B 477 19.94 -23.40 -6.69
C ALA B 477 19.21 -23.40 -5.36
N GLY B 478 17.94 -23.01 -5.37
CA GLY B 478 17.17 -22.97 -4.14
C GLY B 478 16.76 -21.56 -3.73
N GLU B 479 15.72 -21.46 -2.89
CA GLU B 479 15.22 -20.16 -2.45
C GLU B 479 16.22 -19.09 -1.98
N HIS B 480 17.42 -19.50 -1.60
CA HIS B 480 18.41 -18.55 -1.12
C HIS B 480 19.39 -18.11 -2.22
N THR B 481 19.06 -18.41 -3.47
CA THR B 481 19.96 -18.09 -4.58
C THR B 481 19.33 -17.19 -5.67
N ILE B 482 18.23 -16.54 -5.36
CA ILE B 482 17.56 -15.72 -6.35
C ILE B 482 16.84 -14.53 -5.71
N MET B 483 16.60 -13.47 -6.48
CA MET B 483 15.92 -12.26 -5.97
C MET B 483 14.40 -12.36 -6.04
N ASP B 484 13.86 -12.49 -7.23
CA ASP B 484 12.42 -12.59 -7.39
C ASP B 484 11.93 -13.89 -6.78
N GLY B 485 11.16 -13.79 -5.70
CA GLY B 485 10.66 -14.98 -5.03
C GLY B 485 11.60 -15.43 -3.92
N ALA B 486 12.61 -14.61 -3.61
CA ALA B 486 13.57 -14.93 -2.56
C ALA B 486 12.84 -15.59 -1.39
N GLY B 487 13.41 -16.69 -0.89
CA GLY B 487 12.82 -17.41 0.21
C GLY B 487 11.57 -18.21 -0.14
N CYS B 488 11.09 -18.09 -1.38
CA CYS B 488 9.86 -18.81 -1.74
C CYS B 488 9.96 -20.05 -2.63
N ALA B 489 8.92 -20.88 -2.55
CA ALA B 489 8.85 -22.11 -3.31
C ALA B 489 8.98 -21.82 -4.80
N TYR B 490 8.34 -20.76 -5.28
CA TYR B 490 8.43 -20.44 -6.70
C TYR B 490 9.78 -19.82 -7.01
N GLY B 491 10.40 -19.23 -5.99
CA GLY B 491 11.72 -18.67 -6.20
C GLY B 491 12.69 -19.80 -6.45
N ALA B 492 12.60 -20.85 -5.64
CA ALA B 492 13.47 -22.02 -5.77
C ALA B 492 13.23 -22.78 -7.08
N TRP B 493 11.96 -22.97 -7.41
CA TRP B 493 11.55 -23.65 -8.63
C TRP B 493 12.23 -23.01 -9.84
N GLU B 494 12.30 -21.68 -9.86
CA GLU B 494 12.93 -20.97 -10.97
C GLU B 494 14.46 -21.05 -10.94
N SER B 495 15.03 -21.16 -9.74
CA SER B 495 16.49 -21.23 -9.63
C SER B 495 16.97 -22.59 -10.14
N GLY B 496 16.04 -23.54 -10.16
CA GLY B 496 16.37 -24.88 -10.64
C GLY B 496 16.33 -24.92 -12.15
N ARG B 497 15.31 -24.28 -12.72
CA ARG B 497 15.16 -24.22 -14.16
C ARG B 497 16.30 -23.37 -14.70
N ARG B 498 16.77 -22.44 -13.89
CA ARG B 498 17.86 -21.55 -14.27
C ARG B 498 19.14 -22.31 -14.60
N GLU B 499 19.55 -23.19 -13.69
CA GLU B 499 20.78 -23.96 -13.90
C GLU B 499 20.64 -25.05 -14.97
N ALA B 500 19.46 -25.66 -15.05
CA ALA B 500 19.22 -26.71 -16.04
C ALA B 500 19.31 -26.16 -17.46
N THR B 501 18.60 -25.07 -17.74
CA THR B 501 18.61 -24.45 -19.05
C THR B 501 20.01 -24.00 -19.44
N ARG B 502 20.70 -23.35 -18.52
CA ARG B 502 22.05 -22.89 -18.79
C ARG B 502 22.94 -24.04 -19.22
N ILE B 503 22.90 -25.14 -18.46
CA ILE B 503 23.71 -26.32 -18.79
C ILE B 503 23.14 -27.00 -20.03
N SER B 504 21.82 -27.00 -20.15
CA SER B 504 21.14 -27.61 -21.29
C SER B 504 21.59 -26.96 -22.61
N ASP B 505 21.71 -25.63 -22.61
CA ASP B 505 22.17 -24.92 -23.80
C ASP B 505 23.63 -25.29 -24.11
N LEU B 506 24.43 -25.48 -23.07
CA LEU B 506 25.83 -25.83 -23.25
C LEU B 506 26.02 -27.22 -23.84
N LEU B 507 25.28 -28.20 -23.32
CA LEU B 507 25.39 -29.56 -23.85
C LEU B 507 24.97 -29.59 -25.31
N LYS B 508 23.80 -29.03 -25.61
CA LYS B 508 23.27 -28.99 -26.98
C LYS B 508 24.26 -28.37 -27.95
N LEU B 509 25.03 -27.39 -27.47
CA LEU B 509 25.99 -26.70 -28.33
C LEU B 509 27.35 -27.40 -28.52
N GLU B 510 27.84 -28.06 -27.47
CA GLU B 510 29.15 -28.72 -27.52
C GLU B 510 29.33 -29.70 -28.69
N HIS B 511 28.24 -29.99 -29.41
CA HIS B 511 28.34 -30.92 -30.52
C HIS B 511 27.05 -31.09 -31.30
#